data_5FRA
#
_entry.id   5FRA
#
_cell.length_a   78.502
_cell.length_b   84.267
_cell.length_c   89.996
_cell.angle_alpha   90.00
_cell.angle_beta   90.79
_cell.angle_gamma   90.00
#
_symmetry.space_group_name_H-M   'P 1 21 1'
#
loop_
_entity.id
_entity.type
_entity.pdbx_description
1 polymer SIALIDASE
2 branched 'N-acetyl-alpha-neuraminic acid-(2-6)-beta-D-galactopyranose'
3 non-polymer 'ACETATE ION'
4 non-polymer 'N-acetyl-alpha-neuraminic acid'
5 water water
#
_entity_poly.entity_id   1
_entity_poly.type   'polypeptide(L)'
_entity_poly.pdbx_seq_one_letter_code
;SPDPNWELLSSLGEYKDINLESSNASNITYDLEKYKNLDEGTIVVRFNSKDSKIQSLLGISNSKTKNGYFNFYVTNSRVG
FELRNQKNEGNTQNGTENLVHMYKDVALNDGDNTVALKIEKNKGYKLFLNGKMIKEVKDTNTKFLNNIENLDSAFIGKTN
RYGQSNEYNFKGNIGFMNIYNEPLGDDYLLSKTGETK
;
_entity_poly.pdbx_strand_id   A,B,C,D,E,F
#
# COMPACT_ATOMS: atom_id res chain seq x y z
N SER A 1 1.93 35.84 32.21
CA SER A 1 0.67 35.92 31.34
C SER A 1 0.08 37.32 31.40
N PRO A 2 -0.13 37.97 30.24
CA PRO A 2 -0.78 39.29 30.37
C PRO A 2 -2.27 39.18 30.81
N ASP A 3 -2.82 40.28 31.31
CA ASP A 3 -4.25 40.46 31.42
C ASP A 3 -4.73 41.65 30.58
N PRO A 4 -5.53 41.46 29.53
CA PRO A 4 -6.08 40.20 29.14
C PRO A 4 -5.04 39.30 28.46
N ASN A 5 -5.44 38.05 28.33
CA ASN A 5 -4.60 37.06 27.69
C ASN A 5 -4.39 37.33 26.17
N TRP A 6 -3.26 36.86 25.62
CA TRP A 6 -3.02 36.91 24.20
C TRP A 6 -4.13 36.23 23.41
N GLU A 7 -4.55 36.83 22.31
CA GLU A 7 -5.54 36.24 21.35
C GLU A 7 -4.94 35.29 20.35
N LEU A 8 -3.64 35.42 20.13
CA LEU A 8 -2.87 34.52 19.28
C LEU A 8 -1.47 34.41 19.85
N LEU A 9 -1.04 33.18 20.07
CA LEU A 9 0.26 32.93 20.67
C LEU A 9 0.93 31.76 19.99
N SER A 10 2.28 31.74 19.94
CA SER A 10 2.99 30.55 19.49
C SER A 10 2.79 29.36 20.47
N SER A 11 2.54 28.18 19.90
CA SER A 11 2.42 26.95 20.67
C SER A 11 3.75 26.48 21.24
N LEU A 12 3.69 25.85 22.39
CA LEU A 12 4.77 25.03 22.97
C LEU A 12 4.90 23.78 22.17
N GLY A 13 3.79 23.20 21.85
CA GLY A 13 3.76 21.94 21.13
C GLY A 13 2.61 21.91 20.15
N GLU A 14 2.87 21.34 19.01
CA GLU A 14 1.85 21.21 17.98
C GLU A 14 1.95 19.86 17.29
N TYR A 15 0.89 19.08 17.28
CA TYR A 15 0.92 17.71 16.80
C TYR A 15 -0.29 17.50 15.90
N LYS A 16 -0.12 16.75 14.81
CA LYS A 16 -1.14 16.65 13.78
C LYS A 16 -1.36 15.28 13.24
N ASP A 17 -2.59 15.06 12.79
CA ASP A 17 -3.00 13.81 12.12
C ASP A 17 -2.49 12.57 12.82
N ILE A 18 -2.93 12.38 14.06
CA ILE A 18 -2.57 11.21 14.84
C ILE A 18 -3.62 10.13 14.63
N ASN A 19 -3.18 9.04 14.04
CA ASN A 19 -4.04 7.90 13.69
C ASN A 19 -4.10 7.00 14.89
N LEU A 20 -5.28 6.88 15.47
CA LEU A 20 -5.50 6.02 16.63
C LEU A 20 -6.60 4.97 16.38
N GLU A 21 -6.73 4.56 15.13
CA GLU A 21 -7.81 3.59 14.74
C GLU A 21 -7.62 2.19 15.30
N SER A 22 -6.38 1.83 15.53
CA SER A 22 -6.06 0.61 16.27
C SER A 22 -5.67 0.87 17.78
N SER A 23 -6.06 2.04 18.30
CA SER A 23 -5.91 2.36 19.75
C SER A 23 -4.49 2.30 20.29
N ASN A 24 -3.54 2.60 19.40
CA ASN A 24 -2.11 2.65 19.74
C ASN A 24 -1.57 4.11 19.83
N ALA A 25 -1.49 4.52 21.06
CA ALA A 25 -1.23 5.92 21.39
C ALA A 25 0.08 6.45 20.79
N SER A 26 0.15 7.75 20.65
CA SER A 26 1.34 8.40 20.12
C SER A 26 2.22 8.98 21.28
N ASN A 27 3.42 8.44 21.39
CA ASN A 27 4.35 8.85 22.46
C ASN A 27 4.94 10.19 22.12
N ILE A 28 4.67 11.19 22.95
CA ILE A 28 5.29 12.54 22.84
C ILE A 28 6.14 12.91 24.06
N THR A 29 6.66 11.87 24.68
CA THR A 29 7.57 12.04 25.88
C THR A 29 8.77 12.90 25.59
N TYR A 30 9.26 12.87 24.34
CA TYR A 30 10.40 13.78 23.91
C TYR A 30 10.14 15.28 24.20
N ASP A 31 8.86 15.65 24.28
CA ASP A 31 8.46 17.01 24.66
C ASP A 31 8.15 17.25 26.15
N LEU A 32 8.33 16.23 26.98
CA LEU A 32 7.93 16.31 28.40
C LEU A 32 8.51 17.53 29.18
N GLU A 33 9.76 17.90 28.90
CA GLU A 33 10.40 19.03 29.63
C GLU A 33 9.63 20.33 29.41
N LYS A 34 8.92 20.44 28.30
CA LYS A 34 8.14 21.64 28.02
C LYS A 34 6.89 21.79 28.92
N TYR A 35 6.39 20.69 29.42
CA TYR A 35 5.12 20.64 30.13
C TYR A 35 5.20 20.38 31.63
N LYS A 36 6.20 19.62 32.08
CA LYS A 36 6.19 19.06 33.42
C LYS A 36 6.13 20.09 34.56
N ASN A 37 6.65 21.29 34.32
CA ASN A 37 6.63 22.39 35.34
C ASN A 37 5.52 23.45 35.14
N LEU A 38 4.65 23.25 34.16
CA LEU A 38 3.55 24.17 33.93
C LEU A 38 2.54 24.25 35.09
N ASP A 39 2.29 25.47 35.51
N ASP A 39 2.29 25.46 35.52
CA ASP A 39 1.24 25.82 36.47
CA ASP A 39 1.22 25.76 36.48
C ASP A 39 -0.03 26.37 35.81
C ASP A 39 -0.02 26.39 35.82
N GLU A 40 0.06 26.61 34.53
CA GLU A 40 -1.06 27.08 33.74
C GLU A 40 -0.80 26.79 32.29
N GLY A 41 -1.77 27.11 31.46
CA GLY A 41 -1.63 26.93 30.03
C GLY A 41 -2.94 26.64 29.33
N THR A 42 -2.81 26.23 28.09
CA THR A 42 -4.00 25.92 27.26
C THR A 42 -3.74 24.72 26.40
N ILE A 43 -4.74 23.84 26.30
CA ILE A 43 -4.67 22.63 25.43
C ILE A 43 -5.87 22.64 24.52
N VAL A 44 -5.61 22.59 23.22
CA VAL A 44 -6.69 22.55 22.21
C VAL A 44 -6.59 21.27 21.41
N VAL A 45 -7.69 20.53 21.29
CA VAL A 45 -7.68 19.23 20.58
C VAL A 45 -8.85 19.04 19.62
N ARG A 46 -8.54 18.71 18.37
CA ARG A 46 -9.56 18.23 17.43
C ARG A 46 -9.52 16.74 17.36
N PHE A 47 -10.68 16.11 17.54
CA PHE A 47 -10.76 14.65 17.67
C PHE A 47 -12.04 14.04 17.14
N ASN A 48 -11.94 12.79 16.84
CA ASN A 48 -13.10 11.99 16.43
C ASN A 48 -12.91 10.62 16.97
N SER A 49 -13.74 10.28 17.94
CA SER A 49 -13.68 8.98 18.60
C SER A 49 -14.71 8.02 18.00
N LYS A 50 -14.33 6.76 17.99
CA LYS A 50 -15.16 5.62 17.54
C LYS A 50 -15.68 4.79 18.75
N ASP A 51 -15.54 5.29 19.96
CA ASP A 51 -15.80 4.51 21.19
C ASP A 51 -16.49 5.34 22.27
N SER A 52 -17.10 4.67 23.22
CA SER A 52 -17.88 5.35 24.27
C SER A 52 -17.19 5.41 25.63
N LYS A 53 -16.17 4.60 25.84
CA LYS A 53 -15.42 4.61 27.10
C LYS A 53 -14.67 5.91 27.36
N ILE A 54 -14.19 6.04 28.59
CA ILE A 54 -13.28 7.13 28.96
C ILE A 54 -12.02 6.91 28.17
N GLN A 55 -11.66 7.94 27.41
CA GLN A 55 -10.50 7.89 26.52
C GLN A 55 -9.64 9.15 26.70
N SER A 56 -8.35 8.96 26.97
CA SER A 56 -7.45 10.12 27.04
C SER A 56 -7.13 10.75 25.65
N LEU A 57 -7.40 12.03 25.51
CA LEU A 57 -6.81 12.84 24.43
C LEU A 57 -5.31 13.01 24.73
N LEU A 58 -5.02 13.43 25.94
CA LEU A 58 -3.70 13.75 26.42
C LEU A 58 -3.51 13.23 27.83
N GLY A 59 -2.48 12.42 27.99
CA GLY A 59 -2.13 11.79 29.24
C GLY A 59 -0.70 12.10 29.57
N ILE A 60 -0.48 12.74 30.71
CA ILE A 60 0.87 13.16 31.15
C ILE A 60 0.99 12.66 32.59
N SER A 61 1.99 11.81 32.81
CA SER A 61 2.00 10.96 33.96
C SER A 61 3.34 10.55 34.46
N ASN A 62 3.29 10.08 35.70
CA ASN A 62 4.39 9.30 36.31
C ASN A 62 4.04 7.83 36.21
N SER A 63 4.60 7.19 35.18
CA SER A 63 4.28 5.78 34.87
C SER A 63 4.74 4.77 35.95
N LYS A 64 5.54 5.24 36.90
CA LYS A 64 5.95 4.40 38.06
C LYS A 64 4.86 4.33 39.14
N THR A 65 3.86 5.20 39.04
CA THR A 65 2.72 5.22 39.91
C THR A 65 1.43 4.80 39.20
N LYS A 66 0.46 4.37 39.99
CA LYS A 66 -0.88 4.08 39.48
C LYS A 66 -1.66 5.37 39.20
N ASN A 67 -1.49 6.33 40.09
CA ASN A 67 -2.42 7.49 40.20
C ASN A 67 -1.74 8.87 40.13
N GLY A 68 -0.52 8.94 39.67
CA GLY A 68 0.16 10.20 39.41
C GLY A 68 0.06 10.58 37.96
N TYR A 69 -1.01 11.33 37.63
CA TYR A 69 -1.28 11.70 36.20
C TYR A 69 -2.28 12.86 35.99
N PHE A 70 -2.14 13.45 34.81
CA PHE A 70 -3.09 14.34 34.21
C PHE A 70 -3.72 13.65 33.04
N ASN A 71 -5.03 13.68 32.98
CA ASN A 71 -5.84 12.93 31.99
C ASN A 71 -6.94 13.84 31.44
N PHE A 72 -6.71 14.38 30.22
CA PHE A 72 -7.65 15.17 29.52
C PHE A 72 -8.43 14.16 28.65
N TYR A 73 -9.69 13.93 29.00
CA TYR A 73 -10.43 12.79 28.45
C TYR A 73 -11.75 13.13 27.84
N VAL A 74 -12.24 12.17 27.06
CA VAL A 74 -13.61 12.25 26.48
C VAL A 74 -14.31 10.92 26.59
N THR A 75 -15.63 10.99 26.59
CA THR A 75 -16.47 9.81 26.28
C THR A 75 -17.27 10.14 25.03
N ASN A 76 -18.30 9.34 24.76
CA ASN A 76 -19.32 9.71 23.74
C ASN A 76 -20.28 10.84 24.17
N SER A 77 -20.30 11.23 25.46
CA SER A 77 -21.23 12.22 25.95
C SER A 77 -20.71 13.09 27.06
N ARG A 78 -19.39 13.15 27.17
CA ARG A 78 -18.73 13.94 28.24
C ARG A 78 -17.32 14.30 27.89
N VAL A 79 -16.89 15.49 28.35
CA VAL A 79 -15.48 15.87 28.29
C VAL A 79 -15.03 16.34 29.68
N GLY A 80 -13.76 16.13 29.96
CA GLY A 80 -13.24 16.58 31.24
C GLY A 80 -11.79 16.26 31.43
N PHE A 81 -11.31 16.56 32.62
CA PHE A 81 -9.96 16.17 32.98
C PHE A 81 -9.90 15.74 34.40
N GLU A 82 -8.90 14.89 34.69
CA GLU A 82 -8.48 14.61 36.09
C GLU A 82 -7.06 14.97 36.29
N LEU A 83 -6.76 15.33 37.54
CA LEU A 83 -5.48 15.68 37.99
C LEU A 83 -5.28 14.97 39.32
N ARG A 84 -4.31 14.08 39.35
CA ARG A 84 -4.03 13.27 40.51
C ARG A 84 -2.53 13.14 40.71
N ASN A 85 -2.14 13.15 41.96
CA ASN A 85 -0.70 12.97 42.32
C ASN A 85 -0.59 11.68 43.15
N GLN A 86 0.57 11.03 43.07
CA GLN A 86 0.86 9.89 43.94
C GLN A 86 2.32 9.86 44.38
N LYS A 87 2.53 9.79 45.69
CA LYS A 87 3.86 9.83 46.33
C LYS A 87 4.54 8.49 46.49
N ASN A 88 3.83 7.40 46.25
CA ASN A 88 4.35 6.03 46.38
C ASN A 88 4.20 5.24 45.12
N GLU A 89 5.29 4.58 44.74
CA GLU A 89 5.37 3.84 43.46
C GLU A 89 4.92 2.41 43.60
N GLY A 90 4.57 1.81 42.49
CA GLY A 90 4.28 0.38 42.46
C GLY A 90 2.82 0.03 42.69
N ASN A 91 2.55 -1.22 43.01
CA ASN A 91 1.19 -1.71 43.14
C ASN A 91 0.57 -1.34 44.49
N THR A 92 0.07 -0.12 44.55
CA THR A 92 -0.50 0.44 45.80
C THR A 92 -1.33 1.68 45.49
N GLN A 93 -2.30 1.92 46.37
CA GLN A 93 -3.06 3.17 46.39
C GLN A 93 -2.46 4.19 47.33
N ASN A 94 -1.44 3.81 48.07
CA ASN A 94 -0.81 4.72 49.08
C ASN A 94 -0.21 6.00 48.53
N GLY A 95 -0.37 7.08 49.30
CA GLY A 95 0.12 8.41 48.92
C GLY A 95 -0.61 9.09 47.74
N THR A 96 -1.80 8.62 47.43
CA THR A 96 -2.65 9.18 46.34
C THR A 96 -3.29 10.46 46.85
N GLU A 97 -3.13 11.55 46.09
CA GLU A 97 -3.93 12.80 46.25
C GLU A 97 -4.81 13.02 45.02
N ASN A 98 -6.10 13.04 45.23
CA ASN A 98 -7.06 13.26 44.12
C ASN A 98 -7.33 14.74 44.09
N LEU A 99 -6.69 15.45 43.17
CA LEU A 99 -6.65 16.92 43.22
C LEU A 99 -7.87 17.54 42.60
N VAL A 100 -8.10 17.24 41.32
CA VAL A 100 -9.20 17.85 40.57
C VAL A 100 -9.83 16.85 39.59
N HIS A 101 -11.14 16.77 39.57
CA HIS A 101 -11.86 16.08 38.52
C HIS A 101 -13.01 16.98 38.05
N MET A 102 -12.79 17.62 36.91
CA MET A 102 -13.68 18.59 36.34
C MET A 102 -14.19 18.03 35.03
N TYR A 103 -15.50 18.03 34.92
CA TYR A 103 -16.15 17.42 33.73
C TYR A 103 -17.52 18.02 33.44
N LYS A 104 -17.97 17.81 32.23
CA LYS A 104 -19.23 18.31 31.73
C LYS A 104 -19.85 17.34 30.77
N ASP A 105 -21.09 16.99 31.05
CA ASP A 105 -21.96 16.20 30.08
C ASP A 105 -22.35 17.07 28.93
N VAL A 106 -22.20 16.56 27.73
CA VAL A 106 -22.29 17.39 26.52
C VAL A 106 -22.91 16.60 25.38
N ALA A 107 -23.34 17.32 24.33
CA ALA A 107 -23.64 16.65 23.04
C ALA A 107 -22.41 16.72 22.16
N LEU A 108 -21.97 15.59 21.64
CA LEU A 108 -20.85 15.60 20.71
C LEU A 108 -21.34 15.43 19.30
N ASN A 109 -20.61 16.01 18.34
CA ASN A 109 -20.81 15.66 16.92
C ASN A 109 -20.47 14.20 16.69
N ASP A 110 -21.10 13.58 15.72
CA ASP A 110 -20.73 12.21 15.28
C ASP A 110 -19.34 12.16 14.58
N GLY A 111 -19.01 13.24 13.90
CA GLY A 111 -17.72 13.43 13.29
C GLY A 111 -16.73 14.16 14.22
N ASP A 112 -15.98 15.07 13.62
CA ASP A 112 -14.95 15.81 14.33
C ASP A 112 -15.54 16.74 15.42
N ASN A 113 -14.86 16.77 16.55
CA ASN A 113 -15.15 17.72 17.66
C ASN A 113 -13.87 18.48 17.97
N THR A 114 -14.02 19.68 18.51
CA THR A 114 -12.93 20.45 18.99
C THR A 114 -13.15 20.90 20.42
N VAL A 115 -12.21 20.52 21.28
CA VAL A 115 -12.27 20.83 22.72
C VAL A 115 -11.04 21.65 23.18
N ALA A 116 -11.22 22.44 24.22
CA ALA A 116 -10.13 23.15 24.83
C ALA A 116 -10.25 23.22 26.33
N LEU A 117 -9.07 23.15 26.97
CA LEU A 117 -8.91 23.35 28.42
C LEU A 117 -8.01 24.54 28.61
N LYS A 118 -8.52 25.52 29.34
CA LYS A 118 -7.80 26.73 29.67
C LYS A 118 -7.56 26.77 31.15
N ILE A 119 -6.30 26.94 31.54
CA ILE A 119 -5.92 27.01 32.98
C ILE A 119 -5.27 28.37 33.23
N GLU A 120 -5.85 29.15 34.13
CA GLU A 120 -5.29 30.42 34.55
C GLU A 120 -4.83 30.32 35.95
N LYS A 121 -3.56 30.51 36.18
CA LYS A 121 -2.99 30.23 37.51
C LYS A 121 -3.70 31.02 38.62
N ASN A 122 -4.20 30.29 39.60
CA ASN A 122 -4.90 30.85 40.76
C ASN A 122 -6.14 31.73 40.42
N LYS A 123 -6.70 31.54 39.22
CA LYS A 123 -7.97 32.15 38.81
C LYS A 123 -8.98 31.02 38.61
N GLY A 124 -8.65 30.06 37.73
CA GLY A 124 -9.52 28.87 37.50
C GLY A 124 -9.33 28.14 36.19
N TYR A 125 -10.35 27.40 35.82
CA TYR A 125 -10.33 26.50 34.68
C TYR A 125 -11.55 26.73 33.83
N LYS A 126 -11.36 26.66 32.53
CA LYS A 126 -12.47 26.68 31.58
C LYS A 126 -12.37 25.58 30.52
N LEU A 127 -13.50 24.96 30.24
CA LEU A 127 -13.65 24.03 29.18
C LEU A 127 -14.43 24.64 28.04
N PHE A 128 -13.94 24.42 26.84
CA PHE A 128 -14.61 24.85 25.57
C PHE A 128 -14.85 23.64 24.69
N LEU A 129 -15.96 23.67 23.99
CA LEU A 129 -16.31 22.62 23.06
C LEU A 129 -17.12 23.21 21.92
N ASN A 130 -16.64 23.03 20.71
CA ASN A 130 -17.40 23.34 19.47
C ASN A 130 -18.04 24.71 19.46
N GLY A 131 -17.25 25.68 19.91
CA GLY A 131 -17.62 27.08 19.86
C GLY A 131 -18.30 27.66 21.08
N LYS A 132 -18.43 26.84 22.13
CA LYS A 132 -19.02 27.29 23.40
C LYS A 132 -18.06 27.11 24.57
N MET A 133 -18.10 28.08 25.48
CA MET A 133 -17.49 27.91 26.79
C MET A 133 -18.48 27.09 27.65
N ILE A 134 -18.20 25.80 27.84
CA ILE A 134 -19.15 24.87 28.46
C ILE A 134 -19.14 24.79 29.99
N LYS A 135 -18.05 25.24 30.61
CA LYS A 135 -17.91 25.17 32.03
C LYS A 135 -16.73 25.96 32.51
N GLU A 136 -16.95 26.77 33.53
CA GLU A 136 -15.97 27.57 34.20
C GLU A 136 -15.95 27.26 35.66
N VAL A 137 -14.74 27.13 36.20
CA VAL A 137 -14.58 26.87 37.63
C VAL A 137 -13.56 27.86 38.13
N LYS A 138 -13.98 28.67 39.08
CA LYS A 138 -13.08 29.62 39.77
C LYS A 138 -12.37 28.90 40.87
N ASP A 139 -11.11 29.21 41.03
CA ASP A 139 -10.27 28.50 42.00
C ASP A 139 -9.06 29.37 42.24
N THR A 140 -8.88 29.78 43.48
CA THR A 140 -7.78 30.70 43.83
C THR A 140 -6.49 29.98 44.17
N ASN A 141 -6.54 28.66 44.25
CA ASN A 141 -5.36 27.84 44.43
C ASN A 141 -5.36 26.66 43.41
N THR A 142 -5.05 27.00 42.18
CA THR A 142 -5.17 26.03 41.10
C THR A 142 -4.08 24.99 41.21
N LYS A 143 -4.36 23.85 40.62
CA LYS A 143 -3.36 22.76 40.53
C LYS A 143 -3.20 22.37 39.06
N PHE A 144 -2.01 22.00 38.69
CA PHE A 144 -1.74 21.55 37.29
C PHE A 144 -0.54 20.60 37.30
N LEU A 145 0.19 20.54 36.20
CA LEU A 145 1.23 19.52 35.98
C LEU A 145 2.40 19.61 36.96
N ASN A 146 2.73 20.81 37.35
CA ASN A 146 3.76 21.07 38.35
CA ASN A 146 3.78 21.04 38.35
C ASN A 146 3.45 20.45 39.73
N ASN A 147 2.19 20.12 39.98
CA ASN A 147 1.76 19.46 41.24
C ASN A 147 1.83 17.94 41.22
N ILE A 148 2.20 17.37 40.10
CA ILE A 148 2.42 15.91 40.00
C ILE A 148 3.90 15.62 40.10
N GLU A 149 4.26 14.76 41.04
CA GLU A 149 5.67 14.39 41.31
C GLU A 149 6.21 13.44 40.24
N ASN A 150 7.44 13.73 39.79
CA ASN A 150 8.25 12.79 38.95
C ASN A 150 7.53 12.31 37.70
N LEU A 151 6.99 13.26 36.94
CA LEU A 151 6.44 12.94 35.63
C LEU A 151 7.52 12.34 34.71
N ASP A 152 7.16 11.35 33.92
CA ASP A 152 8.09 10.70 33.03
C ASP A 152 7.50 10.28 31.68
N SER A 153 6.25 10.61 31.43
CA SER A 153 5.53 10.19 30.21
C SER A 153 4.57 11.27 29.73
N ALA A 154 4.44 11.38 28.42
CA ALA A 154 3.42 12.14 27.81
C ALA A 154 2.98 11.39 26.53
N PHE A 155 1.67 11.23 26.40
CA PHE A 155 1.07 10.49 25.31
C PHE A 155 -0.12 11.23 24.79
N ILE A 156 -0.28 11.17 23.48
CA ILE A 156 -1.56 11.46 22.82
C ILE A 156 -2.32 10.15 22.64
N GLY A 157 -3.50 10.04 23.26
CA GLY A 157 -4.32 8.81 23.12
C GLY A 157 -4.33 7.80 24.23
N LYS A 158 -3.56 8.05 25.29
CA LYS A 158 -3.60 7.24 26.47
C LYS A 158 -2.95 7.97 27.64
N THR A 159 -3.09 7.38 28.80
CA THR A 159 -2.32 7.78 30.01
C THR A 159 -1.48 6.60 30.47
N ASN A 160 -0.17 6.78 30.45
CA ASN A 160 0.78 5.76 30.82
C ASN A 160 0.85 5.59 32.35
N ARG A 161 0.38 4.44 32.82
CA ARG A 161 0.26 4.20 34.26
C ARG A 161 0.89 2.89 34.68
N TYR A 162 1.13 2.77 35.99
CA TYR A 162 1.74 1.54 36.51
C TYR A 162 0.84 0.29 36.37
N GLY A 163 1.45 -0.83 35.97
CA GLY A 163 0.86 -2.14 36.13
C GLY A 163 -0.39 -2.33 35.30
N GLN A 164 -1.42 -2.84 35.94
CA GLN A 164 -2.70 -3.13 35.30
C GLN A 164 -3.68 -1.93 35.19
N SER A 165 -3.23 -0.73 35.44
CA SER A 165 -4.16 0.40 35.47
C SER A 165 -4.85 0.64 34.13
N ASN A 166 -6.04 1.21 34.17
CA ASN A 166 -6.74 1.61 32.95
C ASN A 166 -6.00 2.83 32.32
N GLU A 167 -5.49 2.63 31.12
CA GLU A 167 -4.74 3.64 30.38
C GLU A 167 -5.62 4.52 29.53
N TYR A 168 -6.92 4.19 29.53
CA TYR A 168 -7.94 5.01 28.83
C TYR A 168 -7.57 5.21 27.34
N ASN A 169 -7.28 4.11 26.67
CA ASN A 169 -6.84 4.18 25.28
C ASN A 169 -7.91 4.77 24.38
N PHE A 170 -7.53 5.78 23.62
CA PHE A 170 -8.42 6.44 22.71
C PHE A 170 -8.49 5.62 21.42
N LYS A 171 -9.68 5.57 20.86
CA LYS A 171 -9.89 4.94 19.56
C LYS A 171 -10.55 5.87 18.60
N GLY A 172 -9.85 6.14 17.49
CA GLY A 172 -10.31 7.07 16.43
C GLY A 172 -9.15 7.85 15.83
N ASN A 173 -9.37 9.12 15.56
CA ASN A 173 -8.31 9.99 15.07
C ASN A 173 -8.27 11.26 15.88
N ILE A 174 -7.08 11.83 15.98
CA ILE A 174 -6.89 13.17 16.50
C ILE A 174 -6.28 14.00 15.39
N GLY A 175 -7.11 14.87 14.83
CA GLY A 175 -6.70 15.78 13.78
C GLY A 175 -5.56 16.72 14.19
N PHE A 176 -5.67 17.29 15.40
CA PHE A 176 -4.59 18.12 15.93
C PHE A 176 -4.62 18.24 17.44
N MET A 177 -3.46 18.56 17.99
CA MET A 177 -3.33 18.95 19.37
C MET A 177 -2.31 20.06 19.51
N ASN A 178 -2.74 21.17 20.07
CA ASN A 178 -1.90 22.35 20.34
C ASN A 178 -1.86 22.62 21.84
N ILE A 179 -0.64 22.72 22.38
CA ILE A 179 -0.42 22.99 23.82
C ILE A 179 0.34 24.31 23.94
N TYR A 180 -0.15 25.17 24.83
CA TYR A 180 0.39 26.54 25.07
C TYR A 180 0.78 26.68 26.52
N ASN A 181 1.80 27.50 26.77
CA ASN A 181 2.29 27.75 28.13
C ASN A 181 1.50 28.84 28.86
N GLU A 182 0.59 29.46 28.17
CA GLU A 182 -0.29 30.48 28.73
C GLU A 182 -1.75 30.19 28.46
N PRO A 183 -2.62 30.68 29.36
CA PRO A 183 -4.02 30.80 28.99
C PRO A 183 -4.24 31.70 27.77
N LEU A 184 -4.94 31.20 26.78
CA LEU A 184 -5.34 31.98 25.63
C LEU A 184 -6.64 32.69 25.86
N GLY A 185 -6.90 33.69 25.02
CA GLY A 185 -8.13 34.45 25.07
C GLY A 185 -9.37 33.62 24.75
N ASP A 186 -10.45 33.91 25.50
CA ASP A 186 -11.72 33.19 25.29
C ASP A 186 -12.17 33.30 23.85
N ASP A 187 -12.04 34.48 23.27
CA ASP A 187 -12.52 34.71 21.88
C ASP A 187 -11.79 33.82 20.89
N TYR A 188 -10.49 33.71 21.05
CA TYR A 188 -9.70 32.78 20.23
C TYR A 188 -10.25 31.34 20.39
N LEU A 189 -10.45 30.94 21.64
CA LEU A 189 -10.86 29.53 21.93
C LEU A 189 -12.30 29.28 21.38
N LEU A 190 -13.15 30.28 21.51
CA LEU A 190 -14.54 30.21 20.93
C LEU A 190 -14.50 30.03 19.40
N SER A 191 -13.70 30.84 18.73
CA SER A 191 -13.54 30.66 17.24
C SER A 191 -12.87 29.42 16.86
N LYS A 192 -11.77 29.11 17.52
CA LYS A 192 -11.00 27.90 17.13
C LYS A 192 -11.82 26.61 17.31
N THR A 193 -12.38 26.44 18.51
CA THR A 193 -13.26 25.30 18.79
C THR A 193 -14.54 25.33 17.90
N GLY A 194 -14.97 26.54 17.59
CA GLY A 194 -16.13 26.83 16.77
C GLY A 194 -16.03 26.37 15.32
N GLU A 195 -14.83 26.01 14.88
CA GLU A 195 -14.64 25.47 13.53
C GLU A 195 -15.38 24.16 13.33
N THR A 196 -15.70 23.47 14.44
CA THR A 196 -16.54 22.26 14.38
C THR A 196 -17.88 22.41 15.18
N LYS A 197 -18.51 23.59 15.20
CA LYS A 197 -19.93 23.71 15.71
C LYS A 197 -20.76 22.43 15.47
N PRO B 4 38.28 8.63 -5.83
CA PRO B 4 37.86 7.39 -5.21
C PRO B 4 36.35 7.24 -5.48
N ASN B 5 36.01 6.49 -6.51
CA ASN B 5 34.62 6.27 -6.83
C ASN B 5 34.04 5.39 -5.72
N TRP B 6 32.74 5.56 -5.47
CA TRP B 6 32.05 4.66 -4.53
C TRP B 6 32.13 3.24 -5.03
N GLU B 7 32.32 2.30 -4.13
CA GLU B 7 32.25 0.90 -4.49
C GLU B 7 30.82 0.42 -4.75
N LEU B 8 29.86 1.07 -4.07
CA LEU B 8 28.46 0.85 -4.28
C LEU B 8 27.70 2.17 -4.11
N LEU B 9 26.96 2.57 -5.12
CA LEU B 9 26.26 3.82 -5.19
C LEU B 9 24.85 3.61 -5.78
N SER B 10 23.82 4.11 -5.09
CA SER B 10 22.43 4.13 -5.62
C SER B 10 22.27 5.14 -6.79
N SER B 11 21.30 4.86 -7.65
CA SER B 11 20.98 5.73 -8.76
C SER B 11 20.22 7.03 -8.37
N LEU B 12 20.52 8.10 -9.08
CA LEU B 12 19.83 9.36 -9.02
C LEU B 12 18.49 9.27 -9.77
N GLY B 13 18.53 8.59 -10.89
CA GLY B 13 17.32 8.34 -11.71
C GLY B 13 17.23 6.91 -12.10
N GLU B 14 16.03 6.35 -11.99
CA GLU B 14 15.82 4.98 -12.38
C GLU B 14 14.49 4.87 -13.11
N TYR B 15 14.51 4.40 -14.32
CA TYR B 15 13.28 4.30 -15.16
C TYR B 15 13.24 2.91 -15.72
N LYS B 16 12.05 2.31 -15.72
CA LYS B 16 11.97 0.89 -16.06
C LYS B 16 10.85 0.54 -17.03
N ASP B 17 11.06 -0.53 -17.75
CA ASP B 17 10.03 -1.20 -18.60
C ASP B 17 9.32 -0.23 -19.51
N ILE B 18 10.08 0.42 -20.38
CA ILE B 18 9.56 1.45 -21.26
C ILE B 18 9.35 0.80 -22.64
N ASN B 19 8.08 0.74 -23.03
CA ASN B 19 7.68 0.20 -24.31
C ASN B 19 7.74 1.32 -25.35
N LEU B 20 8.63 1.17 -26.32
CA LEU B 20 8.79 2.19 -27.42
C LEU B 20 8.53 1.57 -28.79
N GLU B 21 7.68 0.57 -28.83
CA GLU B 21 7.40 -0.12 -30.12
C GLU B 21 6.68 0.78 -31.11
N SER B 22 5.94 1.74 -30.59
CA SER B 22 5.34 2.80 -31.41
C SER B 22 6.18 4.05 -31.60
N SER B 23 7.39 4.06 -31.03
CA SER B 23 8.37 5.16 -31.23
C SER B 23 7.89 6.51 -30.70
N ASN B 24 7.14 6.50 -29.60
CA ASN B 24 6.52 7.74 -28.98
C ASN B 24 7.10 8.30 -27.67
N ALA B 25 8.40 8.19 -27.57
CA ALA B 25 9.20 8.54 -26.38
C ALA B 25 8.52 8.78 -25.00
N SER B 26 9.30 8.55 -23.98
CA SER B 26 8.87 8.80 -22.61
C SER B 26 9.45 10.13 -22.06
N ASN B 27 8.54 11.02 -21.69
CA ASN B 27 8.90 12.34 -21.22
C ASN B 27 9.31 12.25 -19.76
N ILE B 28 10.59 12.58 -19.48
CA ILE B 28 11.12 12.62 -18.09
C ILE B 28 11.62 14.00 -17.68
N THR B 29 11.08 15.01 -18.33
CA THR B 29 11.39 16.43 -18.07
C THR B 29 11.13 16.84 -16.63
N TYR B 30 10.14 16.20 -16.01
CA TYR B 30 9.89 16.39 -14.57
C TYR B 30 11.16 16.17 -13.67
N ASP B 31 12.08 15.33 -14.14
CA ASP B 31 13.39 15.06 -13.44
C ASP B 31 14.57 15.93 -13.89
N LEU B 32 14.31 16.86 -14.81
CA LEU B 32 15.41 17.64 -15.45
C LEU B 32 16.34 18.36 -14.45
N GLU B 33 15.79 18.82 -13.36
CA GLU B 33 16.61 19.50 -12.32
C GLU B 33 17.72 18.60 -11.73
N LYS B 34 17.49 17.28 -11.71
CA LYS B 34 18.51 16.34 -11.26
C LYS B 34 19.77 16.28 -12.16
N TYR B 35 19.60 16.60 -13.44
CA TYR B 35 20.62 16.36 -14.48
C TYR B 35 21.27 17.58 -15.12
N LYS B 36 20.51 18.65 -15.19
CA LYS B 36 20.89 19.86 -15.94
C LYS B 36 22.28 20.48 -15.70
N ASN B 37 22.68 20.44 -14.44
CA ASN B 37 23.96 21.00 -14.01
C ASN B 37 25.08 19.99 -13.83
N LEU B 38 24.84 18.76 -14.22
CA LEU B 38 25.90 17.74 -14.12
C LEU B 38 27.11 18.05 -15.01
N ASP B 39 28.28 17.98 -14.41
CA ASP B 39 29.56 17.97 -15.13
C ASP B 39 30.20 16.60 -15.26
N GLU B 40 29.60 15.61 -14.64
CA GLU B 40 30.02 14.21 -14.75
C GLU B 40 28.87 13.30 -14.37
N GLY B 41 29.10 12.01 -14.49
CA GLY B 41 28.11 10.99 -14.04
C GLY B 41 28.21 9.70 -14.82
N THR B 42 27.17 8.88 -14.70
CA THR B 42 27.12 7.61 -15.37
C THR B 42 25.69 7.34 -15.85
N ILE B 43 25.56 6.83 -17.05
CA ILE B 43 24.26 6.43 -17.61
C ILE B 43 24.35 4.96 -18.05
N VAL B 44 23.49 4.11 -17.50
CA VAL B 44 23.45 2.70 -17.80
C VAL B 44 22.07 2.37 -18.44
N VAL B 45 22.07 1.72 -19.60
CA VAL B 45 20.81 1.44 -20.32
C VAL B 45 20.74 0.01 -20.89
N ARG B 46 19.70 -0.73 -20.50
CA ARG B 46 19.41 -2.02 -21.11
C ARG B 46 18.28 -1.80 -22.12
N PHE B 47 18.53 -2.22 -23.36
CA PHE B 47 17.65 -1.88 -24.49
C PHE B 47 17.59 -3.02 -25.52
N ASN B 48 16.53 -3.00 -26.32
CA ASN B 48 16.39 -3.79 -27.56
C ASN B 48 15.82 -2.89 -28.67
N SER B 49 16.46 -2.97 -29.82
CA SER B 49 15.98 -2.36 -31.03
C SER B 49 16.18 -3.37 -32.17
N LYS B 50 15.37 -3.26 -33.20
CA LYS B 50 15.59 -3.90 -34.54
C LYS B 50 15.82 -2.83 -35.68
N ASP B 51 15.83 -1.56 -35.29
CA ASP B 51 15.75 -0.44 -36.23
C ASP B 51 17.21 -0.05 -36.37
N SER B 52 17.53 0.48 -37.53
CA SER B 52 18.93 0.76 -37.92
C SER B 52 19.35 2.22 -37.83
N LYS B 53 18.38 3.11 -37.73
CA LYS B 53 18.61 4.54 -37.65
C LYS B 53 19.27 4.93 -36.33
N ILE B 54 19.87 6.12 -36.34
CA ILE B 54 20.38 6.76 -35.13
C ILE B 54 19.15 6.99 -34.26
N GLN B 55 19.22 6.41 -33.07
CA GLN B 55 18.06 6.43 -32.12
C GLN B 55 18.55 6.84 -30.72
N SER B 56 17.92 7.85 -30.17
CA SER B 56 18.27 8.29 -28.80
C SER B 56 17.75 7.33 -27.75
N LEU B 57 18.64 6.79 -26.94
CA LEU B 57 18.27 6.19 -25.66
C LEU B 57 17.83 7.26 -24.71
N LEU B 58 18.67 8.29 -24.62
CA LEU B 58 18.45 9.44 -23.73
C LEU B 58 18.80 10.73 -24.47
N GLY B 59 17.86 11.64 -24.49
CA GLY B 59 18.02 12.99 -25.10
C GLY B 59 17.68 14.08 -24.09
N ILE B 60 18.65 14.94 -23.81
CA ILE B 60 18.53 16.02 -22.88
C ILE B 60 18.94 17.29 -23.63
N SER B 61 18.01 18.22 -23.72
CA SER B 61 18.10 19.28 -24.69
C SER B 61 17.46 20.57 -24.31
N ASN B 62 17.87 21.59 -25.05
CA ASN B 62 17.16 22.89 -25.15
C ASN B 62 16.31 22.86 -26.40
N SER B 63 15.04 22.57 -26.22
CA SER B 63 14.08 22.42 -27.34
C SER B 63 13.76 23.73 -28.08
N LYS B 64 14.18 24.86 -27.52
CA LYS B 64 14.13 26.15 -28.21
C LYS B 64 15.25 26.31 -29.32
N THR B 65 16.20 25.39 -29.32
CA THR B 65 17.28 25.36 -30.29
C THR B 65 17.25 24.12 -31.15
N LYS B 66 17.93 24.19 -32.29
CA LYS B 66 18.06 22.98 -33.15
C LYS B 66 19.12 22.07 -32.62
N ASN B 67 20.19 22.66 -32.09
CA ASN B 67 21.48 21.95 -31.86
C ASN B 67 22.02 22.03 -30.44
N GLY B 68 21.18 22.40 -29.49
CA GLY B 68 21.59 22.43 -28.06
C GLY B 68 21.06 21.16 -27.38
N TYR B 69 21.90 20.12 -27.36
CA TYR B 69 21.49 18.82 -26.83
C TYR B 69 22.60 17.84 -26.56
N PHE B 70 22.27 16.90 -25.67
CA PHE B 70 23.01 15.65 -25.39
C PHE B 70 22.16 14.50 -25.90
N ASN B 71 22.78 13.66 -26.71
CA ASN B 71 22.14 12.52 -27.42
C ASN B 71 22.98 11.29 -27.26
N PHE B 72 22.55 10.42 -26.35
CA PHE B 72 23.16 9.14 -26.07
C PHE B 72 22.38 8.18 -26.99
N TYR B 73 23.04 7.72 -28.05
CA TYR B 73 22.33 7.00 -29.14
C TYR B 73 22.90 5.66 -29.53
N VAL B 74 22.10 4.95 -30.29
CA VAL B 74 22.49 3.67 -30.88
C VAL B 74 22.02 3.57 -32.31
N THR B 75 22.72 2.73 -33.05
CA THR B 75 22.17 2.23 -34.34
C THR B 75 22.07 0.72 -34.22
N ASN B 76 21.98 0.02 -35.37
CA ASN B 76 22.13 -1.43 -35.41
C ASN B 76 23.56 -1.90 -35.20
N SER B 77 24.54 -1.01 -35.36
CA SER B 77 25.97 -1.43 -35.38
C SER B 77 26.90 -0.43 -34.76
N ARG B 78 26.32 0.45 -33.94
CA ARG B 78 27.12 1.52 -33.29
C ARG B 78 26.45 2.04 -32.03
N VAL B 79 27.28 2.42 -31.08
CA VAL B 79 26.80 3.19 -29.92
C VAL B 79 27.67 4.43 -29.74
N GLY B 80 27.05 5.48 -29.22
CA GLY B 80 27.80 6.71 -28.99
C GLY B 80 26.99 7.82 -28.37
N PHE B 81 27.61 9.00 -28.28
CA PHE B 81 26.89 10.19 -27.87
C PHE B 81 27.42 11.40 -28.58
N GLU B 82 26.55 12.36 -28.71
CA GLU B 82 26.92 13.69 -29.11
C GLU B 82 26.54 14.66 -28.03
N LEU B 83 27.37 15.70 -27.94
CA LEU B 83 27.18 16.85 -27.05
C LEU B 83 27.39 18.09 -27.87
N ARG B 84 26.33 18.86 -27.99
CA ARG B 84 26.32 20.08 -28.77
C ARG B 84 25.59 21.19 -27.98
N ASN B 85 26.11 22.40 -28.13
CA ASN B 85 25.49 23.59 -27.54
C ASN B 85 25.05 24.53 -28.66
N GLN B 86 24.01 25.32 -28.41
CA GLN B 86 23.62 26.35 -29.32
C GLN B 86 23.16 27.58 -28.58
N LYS B 87 23.73 28.71 -28.95
CA LYS B 87 23.50 30.02 -28.30
C LYS B 87 22.43 30.91 -28.88
N ASN B 88 21.80 30.46 -29.95
CA ASN B 88 20.79 31.22 -30.67
C ASN B 88 19.61 30.30 -30.89
N GLU B 89 18.43 30.81 -30.53
CA GLU B 89 17.19 30.05 -30.60
C GLU B 89 16.52 30.17 -31.97
N GLY B 90 15.66 29.22 -32.27
CA GLY B 90 14.78 29.31 -33.46
C GLY B 90 15.38 28.71 -34.68
N ASN B 91 14.82 29.08 -35.83
CA ASN B 91 15.17 28.43 -37.10
C ASN B 91 16.50 28.98 -37.63
N THR B 92 17.59 28.41 -37.11
CA THR B 92 18.93 28.84 -37.48
C THR B 92 19.99 27.82 -37.05
N GLN B 93 21.11 27.80 -37.76
CA GLN B 93 22.31 27.10 -37.33
C GLN B 93 23.23 27.98 -36.47
N ASN B 94 22.89 29.24 -36.34
CA ASN B 94 23.79 30.23 -35.67
C ASN B 94 24.08 29.90 -34.23
N GLY B 95 25.30 30.14 -33.82
CA GLY B 95 25.73 29.96 -32.42
C GLY B 95 25.90 28.49 -32.01
N THR B 96 25.98 27.59 -33.00
CA THR B 96 26.15 26.16 -32.77
C THR B 96 27.62 25.87 -32.41
N GLU B 97 27.84 25.16 -31.31
CA GLU B 97 29.14 24.59 -30.95
C GLU B 97 29.05 23.05 -30.90
N ASN B 98 29.85 22.37 -31.73
CA ASN B 98 29.84 20.95 -31.82
C ASN B 98 30.95 20.48 -30.93
N LEU B 99 30.56 20.07 -29.72
CA LEU B 99 31.52 19.91 -28.65
C LEU B 99 32.19 18.52 -28.67
N VAL B 100 31.37 17.46 -28.62
CA VAL B 100 31.90 16.11 -28.54
C VAL B 100 31.04 15.18 -29.36
N HIS B 101 31.69 14.37 -30.20
CA HIS B 101 31.01 13.20 -30.81
C HIS B 101 31.88 11.95 -30.62
N MET B 102 31.47 11.09 -29.70
CA MET B 102 32.23 9.92 -29.34
C MET B 102 31.38 8.73 -29.72
N TYR B 103 31.94 7.85 -30.53
CA TYR B 103 31.21 6.65 -30.98
C TYR B 103 32.15 5.46 -31.19
N LYS B 104 31.54 4.28 -31.22
CA LYS B 104 32.22 3.01 -31.46
C LYS B 104 31.36 2.08 -32.26
N ASP B 105 31.89 1.63 -33.38
CA ASP B 105 31.27 0.54 -34.17
C ASP B 105 31.39 -0.75 -33.43
N VAL B 106 30.27 -1.47 -33.33
CA VAL B 106 30.13 -2.64 -32.43
C VAL B 106 29.17 -3.71 -33.01
N ALA B 107 29.32 -4.95 -32.56
CA ALA B 107 28.38 -6.01 -32.88
C ALA B 107 27.34 -6.00 -31.76
N LEU B 108 26.07 -5.73 -32.10
CA LEU B 108 24.98 -5.76 -31.08
C LEU B 108 24.27 -7.12 -31.07
N ASN B 109 23.79 -7.54 -29.91
CA ASN B 109 22.91 -8.74 -29.81
C ASN B 109 21.60 -8.46 -30.51
N ASP B 110 20.96 -9.49 -31.04
CA ASP B 110 19.61 -9.31 -31.63
C ASP B 110 18.57 -8.98 -30.58
N GLY B 111 18.78 -9.56 -29.42
CA GLY B 111 17.93 -9.28 -28.27
C GLY B 111 18.48 -8.10 -27.44
N ASP B 112 18.41 -8.27 -26.13
CA ASP B 112 18.78 -7.20 -25.19
C ASP B 112 20.30 -6.90 -25.27
N ASN B 113 20.60 -5.63 -25.21
CA ASN B 113 21.98 -5.11 -25.07
C ASN B 113 22.04 -4.17 -23.88
N THR B 114 23.22 -4.10 -23.27
CA THR B 114 23.41 -3.22 -22.13
C THR B 114 24.61 -2.33 -22.44
N VAL B 115 24.35 -1.01 -22.44
CA VAL B 115 25.38 0.01 -22.71
C VAL B 115 25.53 0.96 -21.48
N ALA B 116 26.73 1.50 -21.32
CA ALA B 116 26.99 2.55 -20.33
C ALA B 116 27.93 3.62 -20.89
N LEU B 117 27.71 4.83 -20.44
CA LEU B 117 28.55 5.98 -20.62
C LEU B 117 28.98 6.52 -19.23
N LYS B 118 30.28 6.60 -19.04
CA LYS B 118 30.89 7.07 -17.78
C LYS B 118 31.66 8.36 -18.11
N ILE B 119 31.31 9.42 -17.41
CA ILE B 119 31.98 10.71 -17.54
C ILE B 119 32.67 11.09 -16.22
N GLU B 120 33.98 11.26 -16.30
CA GLU B 120 34.79 11.65 -15.14
C GLU B 120 35.32 13.04 -15.36
N LYS B 121 34.89 13.98 -14.52
CA LYS B 121 35.16 15.41 -14.76
C LYS B 121 36.67 15.65 -14.99
N ASN B 122 36.99 16.21 -16.14
CA ASN B 122 38.37 16.54 -16.52
C ASN B 122 39.38 15.37 -16.46
N LYS B 123 38.86 14.14 -16.55
CA LYS B 123 39.69 12.92 -16.79
C LYS B 123 39.37 12.33 -18.15
N GLY B 124 38.09 12.07 -18.40
CA GLY B 124 37.64 11.61 -19.72
C GLY B 124 36.33 10.84 -19.74
N TYR B 125 36.11 10.18 -20.87
CA TYR B 125 34.86 9.44 -21.16
C TYR B 125 35.13 7.96 -21.46
N LYS B 126 34.26 7.07 -20.99
CA LYS B 126 34.30 5.66 -21.35
C LYS B 126 32.93 5.14 -21.77
N LEU B 127 32.93 4.37 -22.83
CA LEU B 127 31.78 3.56 -23.25
C LEU B 127 31.95 2.08 -22.93
N PHE B 128 30.91 1.52 -22.34
CA PHE B 128 30.83 0.07 -22.05
C PHE B 128 29.66 -0.57 -22.83
N LEU B 129 29.83 -1.79 -23.24
CA LEU B 129 28.80 -2.55 -23.95
C LEU B 129 28.95 -4.04 -23.66
N ASN B 130 27.90 -4.67 -23.13
CA ASN B 130 27.85 -6.11 -22.98
C ASN B 130 29.10 -6.76 -22.34
N GLY B 131 29.59 -6.14 -21.28
CA GLY B 131 30.70 -6.62 -20.46
C GLY B 131 32.09 -6.17 -20.85
N LYS B 132 32.17 -5.29 -21.84
CA LYS B 132 33.46 -4.74 -22.32
C LYS B 132 33.51 -3.23 -22.25
N MET B 133 34.68 -2.72 -21.85
CA MET B 133 35.00 -1.29 -22.00
C MET B 133 35.40 -1.11 -23.46
N ILE B 134 34.50 -0.58 -24.28
CA ILE B 134 34.71 -0.52 -25.72
C ILE B 134 35.47 0.66 -26.26
N LYS B 135 35.57 1.72 -25.48
CA LYS B 135 36.25 2.94 -25.92
C LYS B 135 36.46 3.90 -24.76
N GLU B 136 37.70 4.33 -24.58
CA GLU B 136 38.15 5.32 -23.59
C GLU B 136 38.74 6.50 -24.30
N VAL B 137 38.31 7.68 -23.90
CA VAL B 137 38.87 8.95 -24.42
C VAL B 137 39.30 9.77 -23.21
N LYS B 138 40.59 10.03 -23.13
CA LYS B 138 41.14 10.91 -22.09
C LYS B 138 40.85 12.36 -22.50
N ASP B 139 40.52 13.20 -21.56
CA ASP B 139 40.17 14.63 -21.87
C ASP B 139 40.29 15.39 -20.58
N THR B 140 41.22 16.35 -20.56
CA THR B 140 41.49 17.14 -19.32
C THR B 140 40.58 18.37 -19.22
N ASN B 141 39.76 18.59 -20.24
CA ASN B 141 38.71 19.65 -20.23
C ASN B 141 37.34 19.09 -20.74
N THR B 142 36.72 18.28 -19.89
CA THR B 142 35.54 17.54 -20.32
C THR B 142 34.39 18.48 -20.49
N LYS B 143 33.46 18.07 -21.34
CA LYS B 143 32.19 18.80 -21.52
C LYS B 143 31.02 17.86 -21.22
N PHE B 144 29.97 18.39 -20.63
CA PHE B 144 28.78 17.56 -20.31
C PHE B 144 27.55 18.48 -20.27
N LEU B 145 26.54 18.08 -19.50
CA LEU B 145 25.21 18.75 -19.54
C LEU B 145 25.28 20.22 -19.10
N ASN B 146 26.11 20.50 -18.11
CA ASN B 146 26.31 21.88 -17.63
C ASN B 146 26.87 22.85 -18.70
N ASN B 147 27.44 22.33 -19.79
CA ASN B 147 27.91 23.14 -20.93
C ASN B 147 26.86 23.43 -22.00
N ILE B 148 25.68 22.89 -21.84
CA ILE B 148 24.55 23.22 -22.76
C ILE B 148 23.66 24.27 -22.07
N GLU B 149 23.44 25.36 -22.79
CA GLU B 149 22.69 26.52 -22.33
C GLU B 149 21.19 26.26 -22.29
N ASN B 150 20.53 26.60 -21.16
CA ASN B 150 19.05 26.57 -21.05
C ASN B 150 18.35 25.28 -21.45
N LEU B 151 18.81 24.19 -20.86
CA LEU B 151 18.14 22.92 -21.05
C LEU B 151 16.70 23.04 -20.56
N ASP B 152 15.77 22.46 -21.31
CA ASP B 152 14.37 22.45 -20.89
C ASP B 152 13.64 21.11 -21.11
N SER B 153 14.34 20.07 -21.55
CA SER B 153 13.73 18.81 -21.94
C SER B 153 14.61 17.62 -21.65
N ALA B 154 13.96 16.55 -21.20
CA ALA B 154 14.61 15.28 -21.04
C ALA B 154 13.65 14.23 -21.48
N PHE B 155 14.10 13.42 -22.43
CA PHE B 155 13.31 12.25 -22.93
C PHE B 155 14.07 10.96 -22.97
N ILE B 156 13.37 9.86 -22.65
CA ILE B 156 13.83 8.51 -23.00
C ILE B 156 13.22 8.15 -24.36
N GLY B 157 14.08 7.92 -25.34
CA GLY B 157 13.61 7.52 -26.66
C GLY B 157 13.55 8.58 -27.76
N LYS B 158 13.96 9.78 -27.47
CA LYS B 158 14.14 10.84 -28.48
C LYS B 158 14.93 12.00 -27.90
N THR B 159 15.29 12.94 -28.77
CA THR B 159 15.88 14.21 -28.38
C THR B 159 14.93 15.29 -28.87
N ASN B 160 14.44 16.09 -27.95
CA ASN B 160 13.47 17.13 -28.24
C ASN B 160 14.16 18.37 -28.78
N ARG B 161 13.92 18.64 -30.02
CA ARG B 161 14.66 19.70 -30.78
C ARG B 161 13.73 20.68 -31.49
N TYR B 162 14.25 21.85 -31.82
CA TYR B 162 13.43 22.91 -32.40
C TYR B 162 12.96 22.50 -33.82
N GLY B 163 11.71 22.85 -34.13
CA GLY B 163 11.19 22.77 -35.48
C GLY B 163 11.10 21.33 -35.96
N GLN B 164 11.58 21.10 -37.16
CA GLN B 164 11.51 19.78 -37.82
C GLN B 164 12.86 19.03 -37.77
N SER B 165 13.65 19.27 -36.75
CA SER B 165 14.93 18.56 -36.64
C SER B 165 14.74 17.07 -36.45
N ASN B 166 15.77 16.29 -36.77
CA ASN B 166 15.73 14.85 -36.51
C ASN B 166 15.77 14.61 -34.98
N GLU B 167 14.70 14.06 -34.45
CA GLU B 167 14.58 13.74 -33.00
C GLU B 167 15.13 12.38 -32.61
N TYR B 168 15.59 11.63 -33.61
CA TYR B 168 16.24 10.33 -33.41
C TYR B 168 15.35 9.38 -32.59
N ASN B 169 14.09 9.27 -33.01
CA ASN B 169 13.10 8.46 -32.28
C ASN B 169 13.52 7.03 -32.20
N PHE B 170 13.54 6.50 -30.98
CA PHE B 170 13.89 5.15 -30.73
C PHE B 170 12.68 4.23 -30.98
N LYS B 171 12.95 3.09 -31.59
CA LYS B 171 11.95 2.06 -31.82
C LYS B 171 12.43 0.74 -31.23
N GLY B 172 11.70 0.32 -30.22
CA GLY B 172 12.00 -0.95 -29.52
C GLY B 172 11.57 -0.83 -28.05
N ASN B 173 12.41 -1.36 -27.16
CA ASN B 173 12.12 -1.31 -25.73
C ASN B 173 13.33 -0.89 -24.92
N ILE B 174 13.10 -0.24 -23.80
CA ILE B 174 14.15 -0.01 -22.82
C ILE B 174 13.74 -0.69 -21.53
N GLY B 175 14.43 -1.75 -21.19
CA GLY B 175 14.22 -2.50 -19.94
C GLY B 175 14.50 -1.65 -18.72
N PHE B 176 15.61 -0.94 -18.76
CA PHE B 176 15.94 0.01 -17.70
C PHE B 176 16.90 1.11 -18.16
N MET B 177 16.76 2.22 -17.48
CA MET B 177 17.73 3.26 -17.56
C MET B 177 18.04 3.71 -16.14
N ASN B 178 19.32 3.66 -15.79
CA ASN B 178 19.84 4.16 -14.50
C ASN B 178 20.82 5.31 -14.76
N ILE B 179 20.58 6.42 -14.10
CA ILE B 179 21.42 7.62 -14.19
C ILE B 179 22.01 7.90 -12.80
N TYR B 180 23.30 8.13 -12.78
CA TYR B 180 24.09 8.40 -11.54
C TYR B 180 24.80 9.74 -11.67
N ASN B 181 24.88 10.46 -10.55
CA ASN B 181 25.55 11.78 -10.54
C ASN B 181 27.07 11.67 -10.41
N GLU B 182 27.55 10.47 -10.22
CA GLU B 182 28.97 10.21 -10.13
C GLU B 182 29.42 9.10 -11.07
N PRO B 183 30.69 9.13 -11.44
CA PRO B 183 31.24 8.06 -12.24
C PRO B 183 31.30 6.82 -11.39
N LEU B 184 30.70 5.74 -11.86
CA LEU B 184 30.82 4.44 -11.19
C LEU B 184 32.15 3.78 -11.56
N GLY B 185 32.47 2.76 -10.77
CA GLY B 185 33.69 1.95 -11.03
C GLY B 185 33.60 1.11 -12.28
N ASP B 186 34.73 0.96 -12.94
CA ASP B 186 34.82 0.16 -14.19
C ASP B 186 34.35 -1.26 -13.91
N ASP B 187 34.75 -1.80 -12.77
CA ASP B 187 34.36 -3.17 -12.40
C ASP B 187 32.84 -3.37 -12.36
N TYR B 188 32.17 -2.43 -11.69
CA TYR B 188 30.72 -2.44 -11.63
C TYR B 188 30.13 -2.41 -13.06
N LEU B 189 30.65 -1.54 -13.89
CA LEU B 189 30.09 -1.32 -15.25
C LEU B 189 30.30 -2.53 -16.12
N LEU B 190 31.48 -3.14 -15.96
CA LEU B 190 31.81 -4.41 -16.69
C LEU B 190 30.85 -5.56 -16.30
N SER B 191 30.65 -5.73 -15.01
CA SER B 191 29.71 -6.78 -14.52
C SER B 191 28.24 -6.45 -14.86
N LYS B 192 27.82 -5.20 -14.65
CA LYS B 192 26.43 -4.79 -14.96
C LYS B 192 26.08 -4.90 -16.46
N THR B 193 26.89 -4.30 -17.31
CA THR B 193 26.72 -4.41 -18.79
C THR B 193 26.94 -5.87 -19.28
N GLY B 194 27.79 -6.57 -18.57
CA GLY B 194 28.11 -8.01 -18.80
C GLY B 194 26.97 -8.99 -18.56
N GLU B 195 25.89 -8.50 -17.95
CA GLU B 195 24.64 -9.28 -17.79
C GLU B 195 24.01 -9.66 -19.12
N THR B 196 24.33 -8.93 -20.18
CA THR B 196 23.90 -9.30 -21.55
C THR B 196 25.09 -9.62 -22.48
N LYS B 197 26.16 -10.19 -21.91
CA LYS B 197 27.29 -10.66 -22.74
C LYS B 197 26.82 -11.89 -23.51
N PRO C 4 17.91 -17.67 8.30
CA PRO C 4 16.65 -17.61 9.00
C PRO C 4 16.84 -16.60 10.14
N ASN C 5 16.34 -15.39 9.94
CA ASN C 5 16.56 -14.32 10.95
C ASN C 5 15.61 -14.50 12.13
N TRP C 6 15.99 -14.02 13.32
CA TRP C 6 15.07 -13.99 14.46
C TRP C 6 13.79 -13.14 14.14
N GLU C 7 12.61 -13.66 14.45
CA GLU C 7 11.33 -12.90 14.33
C GLU C 7 11.18 -11.86 15.45
N LEU C 8 11.78 -12.15 16.60
CA LEU C 8 11.79 -11.26 17.73
C LEU C 8 13.07 -11.44 18.50
N LEU C 9 13.77 -10.35 18.78
CA LEU C 9 15.08 -10.40 19.46
C LEU C 9 15.25 -9.25 20.36
N SER C 10 15.86 -9.44 21.50
CA SER C 10 16.17 -8.29 22.39
C SER C 10 17.18 -7.37 21.75
N SER C 11 17.00 -6.07 21.95
CA SER C 11 17.94 -5.10 21.49
C SER C 11 19.31 -5.17 22.17
N LEU C 12 20.34 -4.84 21.42
CA LEU C 12 21.66 -4.57 21.98
C LEU C 12 21.73 -3.18 22.61
N GLY C 13 21.06 -2.25 21.94
CA GLY C 13 20.95 -0.89 22.42
C GLY C 13 19.59 -0.35 22.21
N GLU C 14 19.18 0.47 23.15
CA GLU C 14 17.88 1.10 23.02
C GLU C 14 17.94 2.48 23.58
N TYR C 15 17.42 3.43 22.85
CA TYR C 15 17.40 4.83 23.30
C TYR C 15 16.03 5.37 23.01
N LYS C 16 15.54 6.25 23.83
CA LYS C 16 14.21 6.80 23.60
C LYS C 16 14.02 8.23 24.00
N ASP C 17 13.00 8.80 23.38
CA ASP C 17 12.45 10.13 23.72
C ASP C 17 13.49 11.21 23.66
N ILE C 18 14.13 11.34 22.50
CA ILE C 18 15.25 12.27 22.32
C ILE C 18 14.71 13.50 21.63
N ASN C 19 14.80 14.59 22.39
CA ASN C 19 14.45 15.92 21.87
C ASN C 19 15.64 16.59 21.14
N LEU C 20 15.55 16.75 19.81
CA LEU C 20 16.62 17.35 19.00
C LEU C 20 16.16 18.65 18.33
N GLU C 21 15.20 19.32 18.96
CA GLU C 21 14.64 20.58 18.38
C GLU C 21 15.65 21.73 18.36
N SER C 22 16.60 21.70 19.29
CA SER C 22 17.75 22.62 19.22
C SER C 22 19.03 22.02 18.50
N SER C 23 18.89 20.88 17.80
CA SER C 23 20.00 20.21 17.09
C SER C 23 21.24 19.89 17.96
N ASN C 24 21.00 19.59 19.22
CA ASN C 24 22.03 19.18 20.18
C ASN C 24 22.02 17.66 20.26
N ALA C 25 22.86 17.06 19.45
CA ALA C 25 22.90 15.61 19.29
C ALA C 25 23.15 14.91 20.65
N SER C 26 22.75 13.67 20.71
CA SER C 26 22.87 12.89 21.93
C SER C 26 24.11 11.97 21.82
N ASN C 27 25.07 12.18 22.72
CA ASN C 27 26.32 11.43 22.71
C ASN C 27 26.07 10.05 23.33
N ILE C 28 26.22 9.00 22.51
CA ILE C 28 26.09 7.60 22.99
C ILE C 28 27.42 6.82 22.83
N THR C 29 28.52 7.57 22.84
CA THR C 29 29.90 7.02 22.76
C THR C 29 30.16 6.00 23.85
N TYR C 30 29.54 6.19 25.02
CA TYR C 30 29.64 5.17 26.13
C TYR C 30 29.25 3.72 25.69
N ASP C 31 28.39 3.61 24.67
CA ASP C 31 27.99 2.29 24.12
C ASP C 31 28.81 1.81 22.92
N LEU C 32 29.81 2.58 22.52
CA LEU C 32 30.57 2.28 21.27
C LEU C 32 31.15 0.87 21.17
N GLU C 33 31.61 0.32 22.31
CA GLU C 33 32.18 -1.05 22.33
C GLU C 33 31.19 -2.10 21.84
N LYS C 34 29.93 -1.82 22.01
CA LYS C 34 28.88 -2.75 21.55
C LYS C 34 28.77 -2.84 20.01
N TYR C 35 29.18 -1.77 19.35
CA TYR C 35 28.90 -1.60 17.91
C TYR C 35 30.10 -1.68 16.98
N LYS C 36 31.26 -1.26 17.50
CA LYS C 36 32.40 -0.97 16.62
C LYS C 36 32.89 -2.15 15.79
N ASN C 37 32.66 -3.37 16.29
CA ASN C 37 33.08 -4.60 15.59
C ASN C 37 31.99 -5.27 14.78
N LEU C 38 30.82 -4.68 14.74
CA LEU C 38 29.66 -5.33 14.04
C LEU C 38 29.91 -5.43 12.53
N ASP C 39 29.71 -6.62 12.00
N ASP C 39 29.72 -6.62 11.99
CA ASP C 39 29.67 -6.90 10.53
CA ASP C 39 29.69 -6.83 10.52
C ASP C 39 28.27 -7.03 9.97
C ASP C 39 28.27 -7.06 9.96
N GLU C 40 27.29 -7.06 10.86
CA GLU C 40 25.89 -7.08 10.47
C GLU C 40 25.05 -6.58 11.62
N GLY C 41 23.74 -6.50 11.40
CA GLY C 41 22.81 -6.04 12.40
C GLY C 41 21.59 -5.32 11.84
N THR C 42 20.85 -4.69 12.74
CA THR C 42 19.64 -3.96 12.38
C THR C 42 19.52 -2.69 13.22
N ILE C 43 19.06 -1.61 12.58
CA ILE C 43 18.83 -0.32 13.25
C ILE C 43 17.45 0.14 12.91
N VAL C 44 16.64 0.36 13.95
CA VAL C 44 15.27 0.77 13.79
C VAL C 44 15.12 2.12 14.43
N VAL C 45 14.58 3.06 13.70
CA VAL C 45 14.45 4.43 14.23
C VAL C 45 13.03 5.03 13.95
N ARG C 46 12.39 5.51 15.01
CA ARG C 46 11.20 6.39 14.85
C ARG C 46 11.59 7.85 15.03
N PHE C 47 11.23 8.69 14.06
CA PHE C 47 11.74 10.05 13.99
C PHE C 47 10.72 10.98 13.41
N ASN C 48 10.93 12.24 13.70
CA ASN C 48 10.21 13.33 13.03
C ASN C 48 11.12 14.51 12.84
N SER C 49 11.33 14.88 11.62
CA SER C 49 12.21 16.02 11.33
C SER C 49 11.45 17.18 10.78
N LYS C 50 11.96 18.35 11.14
CA LYS C 50 11.49 19.65 10.70
C LYS C 50 12.44 20.38 9.73
N ASP C 51 13.22 19.63 8.97
CA ASP C 51 14.29 20.19 8.16
C ASP C 51 14.48 19.35 6.93
N SER C 52 15.01 19.97 5.88
CA SER C 52 15.17 19.32 4.60
C SER C 52 16.59 18.85 4.26
N LYS C 53 17.59 19.32 5.00
CA LYS C 53 18.97 18.88 4.79
C LYS C 53 19.20 17.40 5.11
N ILE C 54 20.36 16.92 4.68
CA ILE C 54 20.89 15.63 5.12
C ILE C 54 21.12 15.70 6.62
N GLN C 55 20.46 14.78 7.33
CA GLN C 55 20.50 14.72 8.78
C GLN C 55 20.79 13.32 9.25
N SER C 56 21.80 13.16 10.12
CA SER C 56 22.09 11.85 10.70
C SER C 56 21.05 11.45 11.80
N LEU C 57 20.41 10.29 11.61
CA LEU C 57 19.71 9.60 12.72
C LEU C 57 20.79 9.04 13.67
N LEU C 58 21.76 8.38 13.07
CA LEU C 58 22.85 7.69 13.79
C LEU C 58 24.14 7.90 13.04
N GLY C 59 25.13 8.45 13.77
CA GLY C 59 26.48 8.66 13.22
C GLY C 59 27.51 7.97 14.09
N ILE C 60 28.23 7.04 13.50
CA ILE C 60 29.28 6.27 14.20
C ILE C 60 30.54 6.50 13.40
N SER C 61 31.56 7.04 14.07
CA SER C 61 32.69 7.58 13.36
C SER C 61 34.01 7.53 14.09
N ASN C 62 35.03 7.71 13.29
CA ASN C 62 36.40 8.09 13.74
C ASN C 62 36.55 9.59 13.62
N SER C 63 36.35 10.27 14.73
CA SER C 63 36.37 11.75 14.76
C SER C 63 37.75 12.39 14.50
N LYS C 64 38.81 11.58 14.47
CA LYS C 64 40.15 12.04 14.07
C LYS C 64 40.26 12.25 12.56
N THR C 65 39.30 11.68 11.83
CA THR C 65 39.28 11.71 10.36
C THR C 65 38.12 12.51 9.86
N LYS C 66 38.24 12.94 8.64
CA LYS C 66 37.13 13.65 8.00
C LYS C 66 36.07 12.69 7.47
N ASN C 67 36.52 11.57 6.94
CA ASN C 67 35.68 10.67 6.15
C ASN C 67 35.53 9.23 6.67
N GLY C 68 35.92 8.99 7.91
CA GLY C 68 35.82 7.64 8.50
C GLY C 68 34.55 7.60 9.35
N TYR C 69 33.43 7.20 8.71
CA TYR C 69 32.13 7.18 9.38
C TYR C 69 31.04 6.33 8.70
N PHE C 70 30.11 5.96 9.53
CA PHE C 70 28.78 5.43 9.17
C PHE C 70 27.76 6.51 9.50
N ASN C 71 26.95 6.85 8.51
CA ASN C 71 25.94 7.86 8.60
C ASN C 71 24.58 7.35 8.04
N PHE C 72 23.68 7.04 8.95
CA PHE C 72 22.29 6.60 8.65
C PHE C 72 21.44 7.88 8.72
N TYR C 73 20.96 8.32 7.57
CA TYR C 73 20.50 9.70 7.40
C TYR C 73 19.16 9.82 6.72
N VAL C 74 18.54 10.97 6.92
CA VAL C 74 17.29 11.31 6.21
C VAL C 74 17.37 12.72 5.67
N THR C 75 16.56 12.98 4.66
CA THR C 75 16.19 14.36 4.30
C THR C 75 14.68 14.46 4.44
N ASN C 76 14.09 15.47 3.79
CA ASN C 76 12.62 15.58 3.70
C ASN C 76 12.03 14.65 2.61
N SER C 77 12.87 14.03 1.77
CA SER C 77 12.38 13.22 0.66
C SER C 77 13.25 12.01 0.32
N ARG C 78 14.11 11.63 1.26
CA ARG C 78 15.03 10.55 1.04
C ARG C 78 15.47 9.93 2.37
N VAL C 79 15.75 8.63 2.33
CA VAL C 79 16.46 7.96 3.43
C VAL C 79 17.61 7.18 2.85
N GLY C 80 18.62 7.00 3.66
CA GLY C 80 19.75 6.21 3.25
C GLY C 80 20.88 6.17 4.23
N PHE C 81 22.00 5.61 3.76
CA PHE C 81 23.21 5.58 4.61
C PHE C 81 24.45 5.67 3.75
N GLU C 82 25.49 6.17 4.38
CA GLU C 82 26.84 6.11 3.86
C GLU C 82 27.75 5.38 4.81
N LEU C 83 28.69 4.67 4.20
CA LEU C 83 29.72 3.90 4.88
C LEU C 83 31.04 4.23 4.21
N ARG C 84 31.91 4.84 4.98
CA ARG C 84 33.18 5.34 4.46
C ARG C 84 34.26 5.07 5.51
N ASN C 85 35.44 4.75 5.00
CA ASN C 85 36.64 4.60 5.84
C ASN C 85 37.71 5.63 5.45
N GLN C 86 38.54 6.02 6.41
CA GLN C 86 39.69 6.86 6.12
C GLN C 86 40.89 6.45 6.93
N LYS C 87 41.99 6.23 6.22
CA LYS C 87 43.27 5.75 6.82
C LYS C 87 44.25 6.81 7.32
N ASN C 88 43.98 8.06 6.97
CA ASN C 88 44.82 9.20 7.37
C ASN C 88 44.03 10.22 8.14
N GLU C 89 44.60 10.67 9.27
CA GLU C 89 43.94 11.59 10.17
C GLU C 89 44.21 13.04 9.84
N GLY C 90 43.38 13.92 10.37
CA GLY C 90 43.58 15.36 10.25
C GLY C 90 43.00 15.95 8.98
N ASN C 91 43.46 17.16 8.65
CA ASN C 91 42.85 17.95 7.57
C ASN C 91 43.36 17.48 6.22
N THR C 92 42.74 16.43 5.72
CA THR C 92 43.13 15.80 4.46
C THR C 92 42.02 14.90 3.95
N GLN C 93 42.01 14.71 2.63
CA GLN C 93 41.18 13.69 1.98
C GLN C 93 41.90 12.36 1.78
N ASN C 94 43.20 12.33 2.06
CA ASN C 94 44.01 11.15 1.77
C ASN C 94 43.57 9.90 2.53
N GLY C 95 43.68 8.76 1.84
CA GLY C 95 43.34 7.44 2.41
C GLY C 95 41.83 7.20 2.63
N THR C 96 41.02 8.03 1.95
CA THR C 96 39.57 7.88 1.96
C THR C 96 39.16 6.69 1.06
N GLU C 97 38.37 5.77 1.62
CA GLU C 97 37.64 4.74 0.89
C GLU C 97 36.10 4.95 1.00
N ASN C 98 35.46 5.17 -0.15
CA ASN C 98 34.01 5.42 -0.21
C ASN C 98 33.35 4.10 -0.50
N LEU C 99 32.85 3.45 0.54
CA LEU C 99 32.53 2.02 0.48
C LEU C 99 31.11 1.82 -0.03
N VAL C 100 30.13 2.40 0.70
CA VAL C 100 28.74 2.22 0.33
C VAL C 100 27.99 3.56 0.47
N HIS C 101 27.23 3.94 -0.55
CA HIS C 101 26.19 4.96 -0.42
C HIS C 101 24.90 4.46 -1.02
N MET C 102 24.00 4.03 -0.13
CA MET C 102 22.71 3.45 -0.50
C MET C 102 21.62 4.41 -0.04
N TYR C 103 20.73 4.74 -0.96
CA TYR C 103 19.69 5.66 -0.70
C TYR C 103 18.48 5.48 -1.65
N LYS C 104 17.35 5.99 -1.17
CA LYS C 104 16.05 5.84 -1.83
C LYS C 104 15.24 7.10 -1.64
N ASP C 105 14.87 7.69 -2.75
CA ASP C 105 13.86 8.79 -2.74
C ASP C 105 12.50 8.23 -2.37
N VAL C 106 11.83 8.89 -1.43
CA VAL C 106 10.62 8.32 -0.76
C VAL C 106 9.58 9.39 -0.43
N ALA C 107 8.37 8.97 -0.13
CA ALA C 107 7.35 9.84 0.52
C ALA C 107 7.51 9.69 2.02
N LEU C 108 7.72 10.79 2.71
CA LEU C 108 7.72 10.82 4.15
C LEU C 108 6.43 11.42 4.69
N ASN C 109 6.00 10.92 5.84
CA ASN C 109 4.90 11.57 6.58
C ASN C 109 5.39 12.90 7.11
N ASP C 110 4.46 13.86 7.29
CA ASP C 110 4.83 15.16 7.87
C ASP C 110 5.17 15.02 9.36
N GLY C 111 4.50 14.07 9.98
CA GLY C 111 4.74 13.72 11.37
C GLY C 111 5.75 12.55 11.48
N ASP C 112 5.42 11.60 12.35
CA ASP C 112 6.37 10.53 12.75
C ASP C 112 6.56 9.58 11.58
N ASN C 113 7.80 9.16 11.40
CA ASN C 113 8.16 8.13 10.45
C ASN C 113 8.97 7.07 11.13
N THR C 114 8.96 5.87 10.57
CA THR C 114 9.72 4.74 11.11
C THR C 114 10.54 4.06 10.04
N VAL C 115 11.84 4.06 10.21
CA VAL C 115 12.80 3.54 9.24
C VAL C 115 13.63 2.41 9.87
N ALA C 116 14.05 1.47 9.03
CA ALA C 116 14.96 0.43 9.44
C ALA C 116 15.99 0.12 8.37
N LEU C 117 17.21 -0.12 8.85
CA LEU C 117 18.33 -0.62 8.03
C LEU C 117 18.71 -2.01 8.55
N LYS C 118 18.66 -2.97 7.62
CA LYS C 118 18.98 -4.36 7.92
C LYS C 118 20.21 -4.76 7.11
N ILE C 119 21.24 -5.22 7.80
CA ILE C 119 22.46 -5.71 7.17
C ILE C 119 22.64 -7.20 7.49
N GLU C 120 22.68 -7.99 6.44
CA GLU C 120 22.90 -9.47 6.55
C GLU C 120 24.25 -9.77 5.95
N LYS C 121 25.15 -10.24 6.78
CA LYS C 121 26.53 -10.36 6.37
C LYS C 121 26.66 -11.17 5.08
N ASN C 122 27.28 -10.56 4.10
CA ASN C 122 27.57 -11.18 2.78
C ASN C 122 26.34 -11.69 2.04
N LYS C 123 25.17 -11.17 2.39
CA LYS C 123 23.93 -11.36 1.64
C LYS C 123 23.43 -10.03 1.04
N GLY C 124 23.31 -9.01 1.88
CA GLY C 124 22.97 -7.67 1.42
C GLY C 124 22.32 -6.75 2.45
N TYR C 125 21.79 -5.66 1.93
CA TYR C 125 21.23 -4.57 2.71
C TYR C 125 19.79 -4.38 2.34
N LYS C 126 18.96 -4.12 3.32
CA LYS C 126 17.56 -3.68 3.08
C LYS C 126 17.18 -2.43 3.89
N LEU C 127 16.47 -1.54 3.24
CA LEU C 127 15.82 -0.40 3.89
C LEU C 127 14.32 -0.59 3.97
N PHE C 128 13.79 -0.31 5.12
CA PHE C 128 12.32 -0.32 5.40
C PHE C 128 11.86 1.06 5.84
N LEU C 129 10.67 1.43 5.41
CA LEU C 129 10.09 2.71 5.78
C LEU C 129 8.59 2.61 5.84
N ASN C 130 8.02 2.89 7.00
CA ASN C 130 6.54 2.96 7.19
C ASN C 130 5.74 1.79 6.64
N GLY C 131 6.27 0.59 6.89
CA GLY C 131 5.61 -0.65 6.55
C GLY C 131 5.93 -1.22 5.19
N LYS C 132 6.87 -0.59 4.45
CA LYS C 132 7.37 -1.11 3.17
C LYS C 132 8.87 -1.37 3.15
N MET C 133 9.22 -2.47 2.51
CA MET C 133 10.64 -2.74 2.21
C MET C 133 10.91 -1.91 0.97
N ILE C 134 11.63 -0.81 1.14
CA ILE C 134 11.76 0.15 0.03
C ILE C 134 12.92 -0.05 -0.93
N LYS C 135 13.92 -0.79 -0.49
CA LYS C 135 15.11 -1.00 -1.31
C LYS C 135 15.96 -2.12 -0.76
N GLU C 136 16.24 -3.09 -1.61
CA GLU C 136 17.13 -4.22 -1.33
C GLU C 136 18.32 -4.14 -2.25
N VAL C 137 19.49 -4.29 -1.67
CA VAL C 137 20.72 -4.38 -2.48
C VAL C 137 21.42 -5.64 -2.06
N LYS C 138 21.55 -6.55 -3.02
CA LYS C 138 22.30 -7.80 -2.82
C LYS C 138 23.78 -7.49 -2.85
N ASP C 139 24.53 -8.15 -2.00
CA ASP C 139 25.96 -7.90 -1.95
C ASP C 139 26.59 -9.13 -1.23
N THR C 140 27.49 -9.81 -1.93
CA THR C 140 28.19 -10.99 -1.39
C THR C 140 29.45 -10.64 -0.62
N ASN C 141 29.83 -9.37 -0.64
CA ASN C 141 30.93 -8.86 0.19
C ASN C 141 30.50 -7.54 0.91
N THR C 142 29.67 -7.71 1.92
CA THR C 142 29.09 -6.55 2.59
C THR C 142 30.15 -5.82 3.41
N LYS C 143 29.89 -4.55 3.64
CA LYS C 143 30.75 -3.75 4.54
C LYS C 143 29.87 -3.17 5.64
N PHE C 144 30.43 -2.98 6.83
CA PHE C 144 29.70 -2.36 7.94
C PHE C 144 30.75 -1.71 8.90
N LEU C 145 30.39 -1.59 10.15
CA LEU C 145 31.17 -0.79 11.16
C LEU C 145 32.58 -1.34 11.40
N ASN C 146 32.68 -2.65 11.36
N ASN C 146 32.69 -2.66 11.37
CA ASN C 146 33.98 -3.34 11.49
CA ASN C 146 34.04 -3.30 11.52
C ASN C 146 34.99 -2.93 10.40
C ASN C 146 35.02 -2.93 10.39
N ASN C 147 34.51 -2.35 9.30
CA ASN C 147 35.41 -1.88 8.19
C ASN C 147 35.87 -0.46 8.31
N ILE C 148 35.40 0.25 9.33
CA ILE C 148 35.90 1.58 9.62
C ILE C 148 36.96 1.49 10.74
N GLU C 149 38.11 2.08 10.45
CA GLU C 149 39.29 2.01 11.29
C GLU C 149 39.19 2.97 12.46
N ASN C 150 39.50 2.50 13.66
CA ASN C 150 39.62 3.35 14.85
C ASN C 150 38.41 4.24 15.18
N LEU C 151 37.23 3.61 15.21
CA LEU C 151 36.01 4.33 15.62
C LEU C 151 36.19 4.85 17.04
N ASP C 152 35.76 6.09 17.28
CA ASP C 152 35.84 6.68 18.62
C ASP C 152 34.60 7.48 19.06
N SER C 153 33.55 7.50 18.23
CA SER C 153 32.35 8.28 18.49
C SER C 153 31.08 7.61 18.01
N ALA C 154 30.01 7.82 18.78
CA ALA C 154 28.67 7.42 18.39
C ALA C 154 27.70 8.44 18.91
N PHE C 155 26.94 9.00 17.99
CA PHE C 155 25.95 10.01 18.29
C PHE C 155 24.57 9.66 17.66
N ILE C 156 23.51 9.97 18.39
CA ILE C 156 22.18 10.09 17.83
C ILE C 156 21.97 11.58 17.42
N GLY C 157 21.81 11.83 16.11
CA GLY C 157 21.53 13.19 15.65
C GLY C 157 22.65 13.97 15.01
N LYS C 158 23.81 13.36 14.89
CA LYS C 158 24.94 13.91 14.08
C LYS C 158 25.97 12.81 13.83
N THR C 159 26.90 13.13 12.97
CA THR C 159 28.12 12.34 12.75
C THR C 159 29.32 13.20 13.17
N ASN C 160 30.07 12.70 14.12
CA ASN C 160 31.22 13.43 14.70
C ASN C 160 32.43 13.28 13.79
N ARG C 161 32.86 14.38 13.19
CA ARG C 161 33.90 14.31 12.15
C ARG C 161 35.00 15.35 12.42
N TYR C 162 36.11 15.16 11.78
CA TYR C 162 37.29 16.03 12.03
C TYR C 162 37.03 17.45 11.48
N GLY C 163 37.41 18.43 12.28
CA GLY C 163 37.57 19.80 11.83
C GLY C 163 36.27 20.40 11.36
N GLN C 164 36.30 20.98 10.16
CA GLN C 164 35.19 21.75 9.61
C GLN C 164 34.17 20.92 8.77
N SER C 165 34.12 19.62 8.98
CA SER C 165 33.24 18.78 8.17
C SER C 165 31.75 18.90 8.50
N ASN C 166 30.90 18.61 7.52
CA ASN C 166 29.47 18.66 7.76
C ASN C 166 29.10 17.47 8.70
N GLU C 167 28.62 17.79 9.87
CA GLU C 167 28.17 16.81 10.86
C GLU C 167 26.70 16.33 10.70
N TYR C 168 26.01 16.88 9.70
CA TYR C 168 24.61 16.46 9.34
C TYR C 168 23.69 16.50 10.56
N ASN C 169 23.71 17.62 11.26
CA ASN C 169 22.97 17.72 12.52
C ASN C 169 21.46 17.58 12.29
N PHE C 170 20.85 16.69 13.01
CA PHE C 170 19.44 16.42 12.92
C PHE C 170 18.71 17.50 13.70
N LYS C 171 17.60 17.91 13.13
CA LYS C 171 16.65 18.81 13.78
C LYS C 171 15.26 18.23 13.82
N GLY C 172 14.81 17.98 15.02
CA GLY C 172 13.48 17.41 15.26
C GLY C 172 13.49 16.54 16.50
N ASN C 173 12.79 15.43 16.44
CA ASN C 173 12.74 14.50 17.56
C ASN C 173 12.93 13.06 17.12
N ILE C 174 13.58 12.26 17.97
CA ILE C 174 13.68 10.84 17.76
C ILE C 174 12.96 10.13 18.88
N GLY C 175 11.83 9.51 18.56
CA GLY C 175 11.04 8.76 19.53
C GLY C 175 11.76 7.56 20.12
N PHE C 176 12.38 6.80 19.23
CA PHE C 176 13.19 5.68 19.65
C PHE C 176 14.23 5.30 18.62
N MET C 177 15.30 4.70 19.15
CA MET C 177 16.32 4.04 18.32
C MET C 177 16.67 2.72 18.96
N ASN C 178 16.48 1.65 18.22
CA ASN C 178 16.85 0.30 18.63
C ASN C 178 17.87 -0.29 17.71
N ILE C 179 18.96 -0.78 18.28
CA ILE C 179 20.06 -1.36 17.54
C ILE C 179 20.21 -2.85 17.96
N TYR C 180 20.41 -3.69 16.96
CA TYR C 180 20.49 -5.14 17.14
C TYR C 180 21.76 -5.62 16.50
N ASN C 181 22.36 -6.63 17.11
CA ASN C 181 23.57 -7.26 16.59
C ASN C 181 23.27 -8.26 15.49
N GLU C 182 22.02 -8.52 15.22
CA GLU C 182 21.60 -9.47 14.13
C GLU C 182 20.56 -8.87 13.19
N PRO C 183 20.48 -9.38 11.96
CA PRO C 183 19.44 -9.00 11.05
C PRO C 183 18.13 -9.54 11.50
N LEU C 184 17.17 -8.68 11.68
CA LEU C 184 15.84 -9.10 12.10
C LEU C 184 15.01 -9.47 10.89
N GLY C 185 13.97 -10.24 11.17
CA GLY C 185 13.11 -10.78 10.09
C GLY C 185 12.37 -9.67 9.38
N ASP C 186 12.15 -9.87 8.09
CA ASP C 186 11.43 -8.88 7.26
C ASP C 186 10.09 -8.62 7.79
N ASP C 187 9.41 -9.68 8.23
CA ASP C 187 8.03 -9.53 8.72
C ASP C 187 7.96 -8.59 9.96
N TYR C 188 8.86 -8.82 10.90
CA TYR C 188 8.97 -7.93 12.06
C TYR C 188 9.16 -6.49 11.62
N LEU C 189 10.11 -6.29 10.71
CA LEU C 189 10.48 -4.92 10.27
C LEU C 189 9.30 -4.20 9.51
N LEU C 190 8.60 -4.97 8.69
CA LEU C 190 7.38 -4.47 8.01
C LEU C 190 6.32 -4.06 9.04
N SER C 191 6.07 -4.92 10.04
CA SER C 191 5.09 -4.54 11.10
C SER C 191 5.55 -3.41 11.97
N LYS C 192 6.80 -3.47 12.42
CA LYS C 192 7.30 -2.42 13.34
C LYS C 192 7.30 -1.04 12.65
N THR C 193 7.91 -0.96 11.46
CA THR C 193 7.96 0.29 10.70
C THR C 193 6.52 0.70 10.25
N GLY C 194 5.67 -0.33 10.06
CA GLY C 194 4.26 -0.18 9.70
C GLY C 194 3.37 0.53 10.75
N GLU C 195 3.92 0.73 11.97
CA GLU C 195 3.29 1.56 13.00
C GLU C 195 2.99 2.96 12.57
N THR C 196 3.76 3.48 11.61
CA THR C 196 3.52 4.81 11.09
C THR C 196 3.20 4.77 9.61
N LYS C 197 2.52 3.73 9.17
CA LYS C 197 2.10 3.64 7.75
C LYS C 197 1.23 4.79 7.31
N PRO D 4 -47.05 -4.07 19.32
CA PRO D 4 -47.01 -4.72 20.68
C PRO D 4 -45.85 -4.31 21.65
N ASN D 5 -44.62 -4.44 21.18
CA ASN D 5 -43.40 -4.43 22.02
C ASN D 5 -43.62 -4.92 23.47
N TRP D 6 -43.67 -6.25 23.59
CA TRP D 6 -43.68 -6.88 24.90
C TRP D 6 -42.44 -6.50 25.66
N GLU D 7 -42.58 -6.18 26.95
CA GLU D 7 -41.42 -5.94 27.79
C GLU D 7 -40.69 -7.21 28.03
N LEU D 8 -41.43 -8.32 28.06
CA LEU D 8 -40.83 -9.66 28.19
C LEU D 8 -41.64 -10.62 27.33
N LEU D 9 -40.94 -11.28 26.43
CA LEU D 9 -41.56 -12.24 25.52
C LEU D 9 -40.77 -13.51 25.63
N SER D 10 -41.47 -14.61 25.90
CA SER D 10 -40.79 -15.94 25.97
C SER D 10 -40.27 -16.27 24.59
N SER D 11 -39.09 -16.85 24.54
CA SER D 11 -38.57 -17.45 23.31
C SER D 11 -39.44 -18.57 22.79
N LEU D 12 -39.59 -18.55 21.47
CA LEU D 12 -40.36 -19.57 20.74
C LEU D 12 -39.52 -20.82 20.62
N GLY D 13 -38.23 -20.62 20.44
CA GLY D 13 -37.26 -21.70 20.41
C GLY D 13 -36.06 -21.39 21.25
N GLU D 14 -35.63 -22.39 22.00
CA GLU D 14 -34.59 -22.15 23.00
C GLU D 14 -33.66 -23.36 22.95
N TYR D 15 -32.45 -23.17 22.48
CA TYR D 15 -31.55 -24.26 22.24
C TYR D 15 -30.23 -23.91 22.91
N LYS D 16 -29.58 -24.85 23.53
CA LYS D 16 -28.35 -24.61 24.29
C LYS D 16 -27.28 -25.62 24.06
N ASP D 17 -26.05 -25.16 24.24
CA ASP D 17 -24.82 -26.02 24.25
C ASP D 17 -24.79 -26.99 23.08
N ILE D 18 -24.81 -26.45 21.87
CA ILE D 18 -24.73 -27.25 20.66
C ILE D 18 -23.23 -27.41 20.29
N ASN D 19 -22.75 -28.64 20.42
CA ASN D 19 -21.38 -28.99 20.14
C ASN D 19 -21.25 -29.27 18.67
N LEU D 20 -20.46 -28.43 17.98
CA LEU D 20 -20.29 -28.55 16.51
C LEU D 20 -18.83 -28.69 16.18
N GLU D 21 -18.10 -29.29 17.12
CA GLU D 21 -16.61 -29.41 17.00
C GLU D 21 -16.20 -30.33 15.85
N SER D 22 -17.05 -31.31 15.54
CA SER D 22 -16.89 -32.17 14.37
C SER D 22 -17.92 -31.87 13.27
N SER D 23 -18.54 -30.70 13.34
CA SER D 23 -19.45 -30.21 12.25
C SER D 23 -20.64 -31.13 11.96
N ASN D 24 -21.18 -31.70 13.02
CA ASN D 24 -22.41 -32.51 12.99
C ASN D 24 -23.59 -31.63 13.44
N ALA D 25 -24.25 -31.03 12.46
CA ALA D 25 -25.24 -30.03 12.71
C ALA D 25 -26.38 -30.65 13.53
N SER D 26 -27.09 -29.81 14.22
CA SER D 26 -28.17 -30.24 15.08
C SER D 26 -29.54 -30.03 14.34
N ASN D 27 -30.25 -31.14 14.13
CA ASN D 27 -31.51 -31.14 13.36
C ASN D 27 -32.62 -30.69 14.27
N ILE D 28 -33.20 -29.52 13.98
CA ILE D 28 -34.29 -28.97 14.71
C ILE D 28 -35.54 -28.88 13.81
N THR D 29 -35.57 -29.70 12.78
CA THR D 29 -36.76 -29.81 11.89
C THR D 29 -38.06 -30.14 12.64
N TYR D 30 -37.97 -30.89 13.72
CA TYR D 30 -39.11 -31.10 14.65
C TYR D 30 -39.82 -29.78 15.14
N ASP D 31 -39.07 -28.67 15.18
CA ASP D 31 -39.63 -27.32 15.48
C ASP D 31 -40.05 -26.48 14.25
N LEU D 32 -39.95 -27.04 13.05
CA LEU D 32 -40.15 -26.26 11.82
C LEU D 32 -41.50 -25.54 11.74
N GLU D 33 -42.55 -26.17 12.25
CA GLU D 33 -43.91 -25.56 12.19
C GLU D 33 -43.96 -24.25 12.92
N LYS D 34 -43.13 -24.07 13.91
CA LYS D 34 -43.06 -22.81 14.65
C LYS D 34 -42.55 -21.62 13.81
N TYR D 35 -41.75 -21.91 12.82
CA TYR D 35 -40.92 -20.90 12.11
C TYR D 35 -41.32 -20.65 10.68
N LYS D 36 -41.86 -21.66 10.04
CA LYS D 36 -42.05 -21.60 8.59
C LYS D 36 -42.97 -20.51 8.04
N ASN D 37 -43.93 -20.08 8.83
CA ASN D 37 -44.82 -18.95 8.44
C ASN D 37 -44.42 -17.56 8.93
N LEU D 38 -43.29 -17.48 9.61
CA LEU D 38 -42.90 -16.22 10.23
C LEU D 38 -42.60 -15.13 9.17
N ASP D 39 -43.21 -13.95 9.37
CA ASP D 39 -42.95 -12.72 8.61
CA ASP D 39 -42.87 -12.78 8.56
C ASP D 39 -41.99 -11.76 9.32
N GLU D 40 -41.69 -12.07 10.56
CA GLU D 40 -40.80 -11.26 11.37
C GLU D 40 -40.37 -12.07 12.59
N GLY D 41 -39.52 -11.47 13.40
CA GLY D 41 -39.01 -12.13 14.57
C GLY D 41 -37.60 -11.71 14.94
N THR D 42 -37.01 -12.44 15.87
CA THR D 42 -35.70 -12.18 16.38
C THR D 42 -34.97 -13.48 16.55
N ILE D 43 -33.68 -13.48 16.17
CA ILE D 43 -32.79 -14.63 16.42
C ILE D 43 -31.54 -14.14 17.15
N VAL D 44 -31.25 -14.74 18.32
CA VAL D 44 -30.10 -14.35 19.15
C VAL D 44 -29.21 -15.55 19.29
N VAL D 45 -27.91 -15.41 18.99
CA VAL D 45 -26.99 -16.54 18.99
C VAL D 45 -25.68 -16.21 19.63
N ARG D 46 -25.29 -17.01 20.61
CA ARG D 46 -23.93 -16.98 21.14
C ARG D 46 -23.15 -18.12 20.51
N PHE D 47 -22.01 -17.80 19.91
CA PHE D 47 -21.21 -18.74 19.13
C PHE D 47 -19.72 -18.55 19.23
N ASN D 48 -19.01 -19.64 18.92
CA ASN D 48 -17.57 -19.60 18.84
C ASN D 48 -17.14 -20.52 17.72
N SER D 49 -16.66 -19.91 16.64
CA SER D 49 -16.29 -20.64 15.44
C SER D 49 -14.79 -20.82 15.41
N LYS D 50 -14.39 -21.97 14.88
CA LYS D 50 -12.99 -22.39 14.68
C LYS D 50 -12.56 -22.30 13.20
N ASP D 51 -13.36 -21.61 12.39
CA ASP D 51 -13.17 -21.67 10.89
C ASP D 51 -13.47 -20.33 10.27
N SER D 52 -12.96 -20.12 9.06
CA SER D 52 -13.08 -18.83 8.38
C SER D 52 -14.13 -18.80 7.24
N LYS D 53 -14.58 -19.97 6.77
CA LYS D 53 -15.60 -20.04 5.74
C LYS D 53 -16.96 -19.44 6.24
N ILE D 54 -17.82 -19.22 5.26
CA ILE D 54 -19.23 -18.95 5.51
C ILE D 54 -19.80 -20.20 6.24
N GLN D 55 -20.35 -19.95 7.41
CA GLN D 55 -20.91 -21.00 8.26
C GLN D 55 -22.28 -20.62 8.75
N SER D 56 -23.26 -21.52 8.55
CA SER D 56 -24.61 -21.28 9.04
C SER D 56 -24.69 -21.46 10.57
N LEU D 57 -25.08 -20.39 11.28
CA LEU D 57 -25.61 -20.55 12.65
C LEU D 57 -26.94 -21.30 12.56
N LEU D 58 -27.80 -20.78 11.70
CA LEU D 58 -29.16 -21.26 11.56
C LEU D 58 -29.50 -21.32 10.05
N GLY D 59 -29.89 -22.52 9.60
CA GLY D 59 -30.33 -22.75 8.23
C GLY D 59 -31.72 -23.33 8.18
N ILE D 60 -32.64 -22.63 7.55
CA ILE D 60 -34.02 -23.05 7.41
C ILE D 60 -34.29 -23.06 5.91
N SER D 61 -34.71 -24.20 5.40
CA SER D 61 -34.69 -24.47 3.99
C SER D 61 -35.69 -25.43 3.47
N ASN D 62 -35.85 -25.34 2.16
CA ASN D 62 -36.49 -26.36 1.34
C ASN D 62 -35.37 -27.21 0.74
N SER D 63 -35.10 -28.34 1.38
CA SER D 63 -34.02 -29.26 0.96
C SER D 63 -34.28 -29.92 -0.41
N LYS D 64 -35.51 -29.83 -0.94
CA LYS D 64 -35.83 -30.34 -2.31
C LYS D 64 -35.32 -29.35 -3.41
N THR D 65 -34.90 -28.16 -2.99
CA THR D 65 -34.28 -27.16 -3.87
C THR D 65 -32.81 -26.91 -3.55
N LYS D 66 -32.12 -26.37 -4.53
CA LYS D 66 -30.73 -25.91 -4.29
C LYS D 66 -30.66 -24.57 -3.54
N ASN D 67 -31.58 -23.68 -3.87
CA ASN D 67 -31.52 -22.26 -3.44
C ASN D 67 -32.70 -21.71 -2.62
N GLY D 68 -33.52 -22.59 -2.07
CA GLY D 68 -34.69 -22.17 -1.31
C GLY D 68 -34.32 -22.27 0.17
N TYR D 69 -33.83 -21.16 0.74
CA TYR D 69 -33.34 -21.18 2.13
C TYR D 69 -33.09 -19.81 2.74
N PHE D 70 -33.09 -19.84 4.06
CA PHE D 70 -32.64 -18.79 4.92
C PHE D 70 -31.37 -19.26 5.62
N ASN D 71 -30.32 -18.45 5.53
CA ASN D 71 -29.01 -18.76 6.08
C ASN D 71 -28.45 -17.55 6.90
N PHE D 72 -28.47 -17.70 8.20
CA PHE D 72 -27.94 -16.70 9.17
C PHE D 72 -26.55 -17.21 9.45
N TYR D 73 -25.58 -16.48 8.93
CA TYR D 73 -24.21 -16.98 8.84
C TYR D 73 -23.15 -16.08 9.44
N VAL D 74 -22.00 -16.69 9.67
CA VAL D 74 -20.81 -15.95 10.10
C VAL D 74 -19.58 -16.42 9.30
N THR D 75 -18.59 -15.55 9.22
CA THR D 75 -17.25 -15.97 8.88
C THR D 75 -16.35 -15.65 10.06
N ASN D 76 -15.05 -15.60 9.80
CA ASN D 76 -14.10 -15.04 10.77
C ASN D 76 -14.09 -13.50 10.87
N SER D 77 -14.73 -12.82 9.94
CA SER D 77 -14.72 -11.32 9.90
C SER D 77 -16.01 -10.65 9.39
N ARG D 78 -17.08 -11.40 9.46
CA ARG D 78 -18.36 -10.96 8.92
C ARG D 78 -19.53 -11.70 9.59
N VAL D 79 -20.66 -11.01 9.74
CA VAL D 79 -21.95 -11.64 10.07
C VAL D 79 -23.03 -11.14 9.09
N GLY D 80 -24.03 -11.97 8.86
CA GLY D 80 -25.06 -11.66 7.94
C GLY D 80 -26.03 -12.76 7.69
N PHE D 81 -26.96 -12.47 6.80
CA PHE D 81 -27.92 -13.48 6.39
C PHE D 81 -28.27 -13.35 4.94
N GLU D 82 -28.67 -14.48 4.37
CA GLU D 82 -29.29 -14.51 3.05
C GLU D 82 -30.64 -15.14 3.13
N LEU D 83 -31.50 -14.67 2.23
CA LEU D 83 -32.86 -15.15 2.09
C LEU D 83 -33.13 -15.33 0.61
N ARG D 84 -33.46 -16.58 0.24
CA ARG D 84 -33.58 -16.98 -1.17
C ARG D 84 -34.73 -17.96 -1.30
N ASN D 85 -35.47 -17.82 -2.37
CA ASN D 85 -36.58 -18.74 -2.71
C ASN D 85 -36.32 -19.43 -4.03
N GLN D 86 -36.84 -20.64 -4.19
CA GLN D 86 -36.67 -21.38 -5.44
C GLN D 86 -37.92 -22.16 -5.75
N LYS D 87 -38.49 -21.87 -6.92
CA LYS D 87 -39.81 -22.38 -7.34
C LYS D 87 -39.78 -23.73 -8.00
N ASN D 88 -38.60 -24.17 -8.39
CA ASN D 88 -38.37 -25.46 -9.07
C ASN D 88 -37.43 -26.36 -8.30
N GLU D 89 -37.88 -27.60 -8.10
CA GLU D 89 -37.17 -28.62 -7.25
C GLU D 89 -36.22 -29.41 -8.06
N GLY D 90 -35.25 -29.99 -7.36
CA GLY D 90 -34.27 -30.88 -7.99
C GLY D 90 -33.02 -30.21 -8.47
N ASN D 91 -32.33 -30.92 -9.33
CA ASN D 91 -31.03 -30.46 -9.87
C ASN D 91 -31.18 -29.40 -10.96
N THR D 92 -31.35 -28.17 -10.51
CA THR D 92 -31.57 -27.01 -11.42
C THR D 92 -31.39 -25.68 -10.67
N GLN D 93 -31.03 -24.64 -11.42
CA GLN D 93 -31.03 -23.23 -10.94
C GLN D 93 -32.34 -22.55 -11.22
N ASN D 94 -33.22 -23.23 -11.96
CA ASN D 94 -34.43 -22.55 -12.44
C ASN D 94 -35.30 -22.09 -11.30
N GLY D 95 -35.98 -20.94 -11.51
CA GLY D 95 -36.97 -20.41 -10.55
C GLY D 95 -36.36 -19.84 -9.24
N THR D 96 -35.06 -19.60 -9.27
CA THR D 96 -34.33 -19.00 -8.13
C THR D 96 -34.61 -17.49 -8.04
N GLU D 97 -35.09 -17.05 -6.88
CA GLU D 97 -35.25 -15.64 -6.50
C GLU D 97 -34.29 -15.32 -5.36
N ASN D 98 -33.38 -14.40 -5.60
CA ASN D 98 -32.40 -13.99 -4.59
C ASN D 98 -33.00 -12.79 -3.89
N LEU D 99 -33.60 -12.99 -2.72
CA LEU D 99 -34.43 -11.96 -2.09
C LEU D 99 -33.69 -10.88 -1.26
N VAL D 100 -32.88 -11.34 -0.30
CA VAL D 100 -32.17 -10.43 0.60
C VAL D 100 -30.81 -10.97 0.92
N HIS D 101 -29.79 -10.13 0.79
CA HIS D 101 -28.48 -10.43 1.37
C HIS D 101 -28.02 -9.24 2.14
N MET D 102 -27.99 -9.40 3.44
CA MET D 102 -27.60 -8.35 4.38
C MET D 102 -26.42 -8.80 5.23
N TYR D 103 -25.37 -8.00 5.28
CA TYR D 103 -24.15 -8.36 5.97
C TYR D 103 -23.41 -7.12 6.49
N LYS D 104 -22.47 -7.39 7.39
CA LYS D 104 -21.59 -6.38 7.92
C LYS D 104 -20.21 -6.99 8.24
N ASP D 105 -19.16 -6.38 7.72
CA ASP D 105 -17.78 -6.72 8.07
C ASP D 105 -17.50 -6.20 9.48
N VAL D 106 -16.92 -7.07 10.30
CA VAL D 106 -16.81 -6.83 11.74
C VAL D 106 -15.52 -7.44 12.29
N ALA D 107 -15.04 -6.89 13.40
CA ALA D 107 -13.98 -7.55 14.19
C ALA D 107 -14.66 -8.48 15.23
N LEU D 108 -14.38 -9.76 15.15
CA LEU D 108 -14.96 -10.77 16.07
C LEU D 108 -13.97 -11.05 17.19
N ASN D 109 -14.49 -11.38 18.37
CA ASN D 109 -13.66 -11.97 19.44
C ASN D 109 -13.11 -13.34 19.01
N ASP D 110 -11.98 -13.73 19.56
CA ASP D 110 -11.41 -15.08 19.35
C ASP D 110 -12.23 -16.17 20.05
N GLY D 111 -12.82 -15.80 21.15
CA GLY D 111 -13.70 -16.67 21.92
C GLY D 111 -15.16 -16.46 21.52
N ASP D 112 -16.01 -16.42 22.52
CA ASP D 112 -17.43 -16.31 22.30
C ASP D 112 -17.82 -14.95 21.73
N ASN D 113 -18.76 -15.00 20.78
CA ASN D 113 -19.41 -13.80 20.24
C ASN D 113 -20.92 -13.93 20.41
N THR D 114 -21.63 -12.80 20.48
CA THR D 114 -23.09 -12.81 20.53
C THR D 114 -23.66 -11.92 19.45
N VAL D 115 -24.44 -12.53 18.58
CA VAL D 115 -25.06 -11.85 17.45
C VAL D 115 -26.58 -11.92 17.55
N ALA D 116 -27.24 -10.91 17.00
CA ALA D 116 -28.70 -10.95 16.86
C ALA D 116 -29.14 -10.39 15.51
N LEU D 117 -30.21 -10.98 15.01
CA LEU D 117 -30.94 -10.50 13.86
C LEU D 117 -32.35 -10.19 14.29
N LYS D 118 -32.75 -8.96 14.03
CA LYS D 118 -34.10 -8.45 14.30
C LYS D 118 -34.79 -8.12 13.02
N ILE D 119 -35.97 -8.70 12.82
CA ILE D 119 -36.78 -8.44 11.64
C ILE D 119 -38.12 -7.80 12.07
N GLU D 120 -38.40 -6.59 11.55
CA GLU D 120 -39.64 -5.89 11.81
C GLU D 120 -40.43 -5.81 10.55
N LYS D 121 -41.61 -6.42 10.55
CA LYS D 121 -42.37 -6.57 9.32
C LYS D 121 -42.64 -5.22 8.64
N ASN D 122 -42.24 -5.13 7.39
CA ASN D 122 -42.34 -3.91 6.59
C ASN D 122 -41.74 -2.62 7.21
N LYS D 123 -40.78 -2.77 8.13
CA LYS D 123 -39.91 -1.67 8.59
C LYS D 123 -38.47 -1.91 8.14
N GLY D 124 -37.94 -3.07 8.47
CA GLY D 124 -36.57 -3.44 8.08
C GLY D 124 -35.89 -4.44 9.03
N TYR D 125 -34.59 -4.55 8.86
CA TYR D 125 -33.73 -5.53 9.47
C TYR D 125 -32.62 -4.84 10.24
N LYS D 126 -32.29 -5.38 11.40
CA LYS D 126 -31.12 -4.95 12.19
C LYS D 126 -30.26 -6.09 12.64
N LEU D 127 -28.96 -5.87 12.53
CA LEU D 127 -27.99 -6.79 13.09
C LEU D 127 -27.33 -6.16 14.30
N PHE D 128 -27.19 -6.97 15.33
CA PHE D 128 -26.44 -6.64 16.55
C PHE D 128 -25.30 -7.59 16.76
N LEU D 129 -24.23 -7.07 17.31
CA LEU D 129 -23.05 -7.87 17.67
C LEU D 129 -22.35 -7.29 18.87
N ASN D 130 -22.11 -8.10 19.86
CA ASN D 130 -21.26 -7.78 21.03
C ASN D 130 -21.52 -6.39 21.62
N GLY D 131 -22.80 -6.07 21.74
CA GLY D 131 -23.28 -4.82 22.35
C GLY D 131 -23.46 -3.62 21.47
N LYS D 132 -23.34 -3.80 20.15
CA LYS D 132 -23.62 -2.73 19.19
C LYS D 132 -24.65 -3.12 18.17
N MET D 133 -25.45 -2.14 17.76
CA MET D 133 -26.30 -2.25 16.56
C MET D 133 -25.44 -1.92 15.32
N ILE D 134 -25.04 -2.95 14.59
CA ILE D 134 -23.98 -2.81 13.60
C ILE D 134 -24.44 -2.47 12.20
N LYS D 135 -25.72 -2.70 11.91
CA LYS D 135 -26.25 -2.49 10.58
C LYS D 135 -27.74 -2.54 10.56
N GLU D 136 -28.32 -1.55 9.93
CA GLU D 136 -29.75 -1.46 9.74
C GLU D 136 -30.02 -1.36 8.27
N VAL D 137 -31.01 -2.10 7.80
CA VAL D 137 -31.48 -1.98 6.40
C VAL D 137 -32.98 -1.77 6.45
N LYS D 138 -33.40 -0.59 5.99
CA LYS D 138 -34.82 -0.22 5.93
C LYS D 138 -35.42 -0.93 4.76
N ASP D 139 -36.65 -1.36 4.91
CA ASP D 139 -37.33 -2.06 3.84
C ASP D 139 -38.82 -2.02 4.15
N THR D 140 -39.59 -1.43 3.26
CA THR D 140 -41.04 -1.29 3.48
C THR D 140 -41.83 -2.47 2.94
N ASN D 141 -41.14 -3.38 2.28
CA ASN D 141 -41.72 -4.68 1.88
C ASN D 141 -40.82 -5.86 2.26
N THR D 142 -40.79 -6.17 3.55
CA THR D 142 -39.79 -7.14 4.08
C THR D 142 -40.11 -8.53 3.60
N LYS D 143 -39.08 -9.35 3.54
CA LYS D 143 -39.22 -10.76 3.21
C LYS D 143 -38.62 -11.58 4.37
N PHE D 144 -39.23 -12.72 4.64
CA PHE D 144 -38.69 -13.63 5.67
C PHE D 144 -39.14 -15.05 5.30
N LEU D 145 -39.24 -15.90 6.30
CA LEU D 145 -39.39 -17.36 6.10
C LEU D 145 -40.67 -17.70 5.35
N ASN D 146 -41.73 -16.95 5.61
N ASN D 146 -41.72 -16.95 5.62
CA ASN D 146 -43.00 -17.16 4.92
CA ASN D 146 -43.01 -17.13 4.93
C ASN D 146 -42.93 -16.96 3.40
C ASN D 146 -42.93 -16.96 3.40
N ASN D 147 -41.89 -16.31 2.92
CA ASN D 147 -41.66 -16.11 1.47
C ASN D 147 -40.86 -17.22 0.78
N ILE D 148 -40.39 -18.19 1.55
CA ILE D 148 -39.73 -19.36 0.97
C ILE D 148 -40.79 -20.47 0.87
N GLU D 149 -40.88 -21.03 -0.33
CA GLU D 149 -41.86 -22.06 -0.62
C GLU D 149 -41.44 -23.40 -0.05
N ASN D 150 -42.39 -24.10 0.57
CA ASN D 150 -42.25 -25.55 0.94
C ASN D 150 -40.99 -25.86 1.76
N LEU D 151 -40.77 -25.06 2.80
CA LEU D 151 -39.73 -25.35 3.75
C LEU D 151 -39.93 -26.73 4.32
N ASP D 152 -38.85 -27.46 4.46
CA ASP D 152 -38.92 -28.82 5.07
C ASP D 152 -37.79 -29.17 6.07
N SER D 153 -36.89 -28.23 6.34
CA SER D 153 -35.71 -28.45 7.17
C SER D 153 -35.31 -27.25 8.00
N ALA D 154 -34.78 -27.52 9.18
CA ALA D 154 -34.25 -26.50 10.04
C ALA D 154 -33.08 -27.13 10.80
N PHE D 155 -31.94 -26.52 10.67
CA PHE D 155 -30.70 -26.98 11.32
C PHE D 155 -29.99 -25.88 12.04
N ILE D 156 -29.41 -26.23 13.19
CA ILE D 156 -28.39 -25.40 13.80
C ILE D 156 -27.06 -25.90 13.32
N GLY D 157 -26.31 -25.06 12.63
CA GLY D 157 -24.95 -25.45 12.18
C GLY D 157 -24.78 -25.82 10.72
N LYS D 158 -25.87 -25.74 9.95
CA LYS D 158 -25.79 -25.90 8.49
C LYS D 158 -27.07 -25.47 7.84
N THR D 159 -27.04 -25.46 6.53
CA THR D 159 -28.25 -25.27 5.70
C THR D 159 -28.40 -26.52 4.85
N ASN D 160 -29.54 -27.16 5.00
CA ASN D 160 -29.86 -28.42 4.27
C ASN D 160 -30.39 -28.12 2.86
N ARG D 161 -29.58 -28.47 1.88
CA ARG D 161 -29.85 -28.11 0.51
C ARG D 161 -29.85 -29.33 -0.43
N TYR D 162 -30.44 -29.15 -1.60
CA TYR D 162 -30.54 -30.23 -2.58
C TYR D 162 -29.17 -30.60 -3.15
N GLY D 163 -28.93 -31.90 -3.23
CA GLY D 163 -27.79 -32.43 -3.96
C GLY D 163 -26.49 -32.03 -3.36
N GLN D 164 -25.57 -31.57 -4.21
CA GLN D 164 -24.16 -31.28 -3.81
C GLN D 164 -23.92 -29.83 -3.30
N SER D 165 -24.97 -29.11 -2.98
CA SER D 165 -24.80 -27.68 -2.65
C SER D 165 -23.95 -27.44 -1.38
N ASN D 166 -23.36 -26.27 -1.27
CA ASN D 166 -22.61 -25.91 -0.07
C ASN D 166 -23.61 -25.71 1.11
N GLU D 167 -23.48 -26.57 2.10
CA GLU D 167 -24.31 -26.54 3.29
C GLU D 167 -23.81 -25.59 4.39
N TYR D 168 -22.66 -24.99 4.17
CA TYR D 168 -22.08 -23.97 5.08
C TYR D 168 -21.97 -24.54 6.51
N ASN D 169 -21.35 -25.70 6.62
CA ASN D 169 -21.25 -26.40 7.89
C ASN D 169 -20.43 -25.57 8.88
N PHE D 170 -21.04 -25.29 10.01
CA PHE D 170 -20.39 -24.56 11.07
C PHE D 170 -19.43 -25.51 11.79
N LYS D 171 -18.30 -24.97 12.16
CA LYS D 171 -17.40 -25.67 13.04
C LYS D 171 -17.07 -24.85 14.29
N GLY D 172 -17.33 -25.44 15.42
CA GLY D 172 -17.06 -24.85 16.74
C GLY D 172 -18.13 -25.24 17.74
N ASN D 173 -18.61 -24.26 18.49
CA ASN D 173 -19.81 -24.52 19.29
C ASN D 173 -20.73 -23.32 19.30
N ILE D 174 -21.97 -23.62 19.64
CA ILE D 174 -23.01 -22.60 19.82
C ILE D 174 -23.54 -22.73 21.22
N GLY D 175 -23.18 -21.75 22.05
CA GLY D 175 -23.57 -21.74 23.45
C GLY D 175 -25.06 -21.64 23.65
N PHE D 176 -25.70 -20.79 22.85
CA PHE D 176 -27.14 -20.75 22.82
C PHE D 176 -27.70 -20.18 21.52
N MET D 177 -28.92 -20.57 21.27
CA MET D 177 -29.75 -19.94 20.24
C MET D 177 -31.13 -19.76 20.80
N ASN D 178 -31.58 -18.50 20.79
CA ASN D 178 -32.97 -18.12 21.10
C ASN D 178 -33.67 -17.51 19.91
N ILE D 179 -34.82 -18.07 19.57
CA ILE D 179 -35.64 -17.58 18.46
C ILE D 179 -36.94 -17.04 19.05
N TYR D 180 -37.36 -15.89 18.55
CA TYR D 180 -38.59 -15.18 19.01
C TYR D 180 -39.46 -14.88 17.81
N ASN D 181 -40.77 -14.98 17.99
CA ASN D 181 -41.75 -14.66 16.91
C ASN D 181 -41.97 -13.16 16.68
N GLU D 182 -41.38 -12.33 17.54
CA GLU D 182 -41.46 -10.88 17.40
C GLU D 182 -40.14 -10.16 17.49
N PRO D 183 -40.04 -8.94 16.88
CA PRO D 183 -38.92 -8.11 17.04
C PRO D 183 -38.78 -7.64 18.47
N LEU D 184 -37.68 -8.00 19.09
CA LEU D 184 -37.39 -7.52 20.45
C LEU D 184 -36.87 -6.08 20.41
N GLY D 185 -36.88 -5.46 21.58
CA GLY D 185 -36.39 -4.10 21.73
C GLY D 185 -34.91 -4.01 21.49
N ASP D 186 -34.50 -2.89 20.88
CA ASP D 186 -33.06 -2.60 20.68
C ASP D 186 -32.28 -2.66 21.97
N ASP D 187 -32.83 -2.06 23.01
CA ASP D 187 -32.12 -1.99 24.32
C ASP D 187 -31.82 -3.37 24.86
N TYR D 188 -32.80 -4.25 24.80
CA TYR D 188 -32.61 -5.67 25.19
C TYR D 188 -31.47 -6.32 24.37
N LEU D 189 -31.51 -6.09 23.08
CA LEU D 189 -30.52 -6.73 22.17
C LEU D 189 -29.12 -6.18 22.36
N LEU D 190 -29.04 -4.88 22.59
CA LEU D 190 -27.72 -4.27 22.99
C LEU D 190 -27.15 -4.88 24.27
N SER D 191 -27.96 -4.93 25.30
CA SER D 191 -27.56 -5.55 26.58
C SER D 191 -27.21 -7.05 26.51
N LYS D 192 -28.10 -7.79 25.86
CA LYS D 192 -27.89 -9.26 25.71
C LYS D 192 -26.63 -9.61 24.89
N THR D 193 -26.51 -9.03 23.70
CA THR D 193 -25.32 -9.22 22.87
C THR D 193 -24.06 -8.62 23.51
N GLY D 194 -24.28 -7.56 24.31
CA GLY D 194 -23.22 -6.91 25.10
C GLY D 194 -22.58 -7.73 26.20
N GLU D 195 -23.16 -8.88 26.52
CA GLU D 195 -22.52 -9.85 27.44
C GLU D 195 -21.16 -10.35 26.97
N THR D 196 -20.91 -10.30 25.68
CA THR D 196 -19.58 -10.65 25.13
C THR D 196 -18.93 -9.45 24.43
N LYS D 197 -19.18 -8.24 24.95
CA LYS D 197 -18.46 -7.05 24.45
C LYS D 197 -16.95 -7.31 24.70
N ASN E 5 -28.24 -9.95 -9.06
CA ASN E 5 -29.55 -10.59 -8.81
C ASN E 5 -30.37 -10.13 -7.60
N TRP E 6 -29.73 -9.72 -6.51
CA TRP E 6 -30.44 -9.51 -5.25
C TRP E 6 -31.54 -8.49 -5.38
N GLU E 7 -32.73 -8.79 -4.87
CA GLU E 7 -33.79 -7.80 -4.77
C GLU E 7 -33.46 -6.73 -3.72
N LEU E 8 -32.76 -7.14 -2.69
CA LEU E 8 -32.27 -6.23 -1.67
C LEU E 8 -30.87 -6.68 -1.25
N LEU E 9 -29.92 -5.80 -1.46
CA LEU E 9 -28.55 -6.00 -1.08
C LEU E 9 -28.19 -4.89 -0.09
N SER E 10 -27.65 -5.25 1.08
CA SER E 10 -27.15 -4.24 2.02
C SER E 10 -25.93 -3.53 1.41
N SER E 11 -25.82 -2.25 1.71
CA SER E 11 -24.60 -1.50 1.43
C SER E 11 -23.42 -2.02 2.24
N LEU E 12 -22.26 -1.96 1.60
CA LEU E 12 -20.99 -2.27 2.21
C LEU E 12 -20.53 -1.13 3.05
N GLY E 13 -20.84 0.06 2.60
CA GLY E 13 -20.50 1.28 3.32
C GLY E 13 -21.62 2.26 3.28
N GLU E 14 -21.84 2.95 4.39
CA GLU E 14 -23.03 3.75 4.50
C GLU E 14 -22.60 4.92 5.34
N TYR E 15 -22.70 6.11 4.80
CA TYR E 15 -22.29 7.31 5.54
C TYR E 15 -23.35 8.36 5.36
N LYS E 16 -23.62 9.16 6.37
CA LYS E 16 -24.66 10.21 6.23
C LYS E 16 -24.33 11.51 6.92
N ASP E 17 -24.99 12.55 6.42
CA ASP E 17 -24.95 13.89 7.03
C ASP E 17 -23.55 14.40 7.25
N ILE E 18 -22.79 14.45 6.15
CA ILE E 18 -21.39 14.88 6.21
C ILE E 18 -21.37 16.38 5.89
N ASN E 19 -21.00 17.15 6.91
CA ASN E 19 -20.94 18.61 6.86
C ASN E 19 -19.58 19.07 6.35
N LEU E 20 -19.59 19.63 5.15
CA LEU E 20 -18.33 20.01 4.49
C LEU E 20 -18.32 21.50 4.20
N GLU E 21 -19.02 22.26 5.03
CA GLU E 21 -19.19 23.71 4.78
C GLU E 21 -17.89 24.49 4.94
N SER E 22 -17.01 23.99 5.77
CA SER E 22 -15.62 24.52 5.89
C SER E 22 -14.56 23.57 5.24
N SER E 23 -15.00 22.70 4.36
CA SER E 23 -14.10 21.83 3.53
C SER E 23 -13.14 20.95 4.32
N ASN E 24 -13.59 20.52 5.49
CA ASN E 24 -12.89 19.58 6.31
C ASN E 24 -13.39 18.14 6.01
N ALA E 25 -12.67 17.47 5.13
CA ALA E 25 -13.12 16.18 4.59
C ALA E 25 -13.28 15.18 5.71
N SER E 26 -14.11 14.20 5.47
CA SER E 26 -14.35 13.19 6.46
C SER E 26 -13.47 11.97 6.17
N ASN E 27 -12.60 11.65 7.13
CA ASN E 27 -11.68 10.51 7.01
C ASN E 27 -12.36 9.18 7.28
N ILE E 28 -12.42 8.32 6.25
CA ILE E 28 -13.10 7.02 6.35
C ILE E 28 -12.14 5.90 6.04
N THR E 29 -10.87 6.20 6.29
CA THR E 29 -9.76 5.24 6.09
C THR E 29 -9.96 3.96 6.90
N TYR E 30 -10.60 4.09 8.05
CA TYR E 30 -10.95 2.93 8.90
C TYR E 30 -11.74 1.84 8.10
N ASP E 31 -12.49 2.26 7.08
CA ASP E 31 -13.21 1.31 6.17
C ASP E 31 -12.46 0.82 4.91
N LEU E 32 -11.23 1.24 4.77
CA LEU E 32 -10.47 1.00 3.53
C LEU E 32 -10.39 -0.48 3.08
N GLU E 33 -10.22 -1.37 4.04
CA GLU E 33 -10.07 -2.82 3.74
C GLU E 33 -11.29 -3.37 3.00
N LYS E 34 -12.45 -2.78 3.22
CA LYS E 34 -13.67 -3.13 2.46
C LYS E 34 -13.66 -2.81 0.95
N TYR E 35 -12.87 -1.84 0.59
CA TYR E 35 -12.93 -1.25 -0.75
C TYR E 35 -11.73 -1.52 -1.63
N LYS E 36 -10.57 -1.64 -0.99
CA LYS E 36 -9.31 -1.63 -1.73
C LYS E 36 -9.20 -2.68 -2.83
N ASN E 37 -9.87 -3.81 -2.68
CA ASN E 37 -9.80 -4.90 -3.68
C ASN E 37 -11.01 -5.00 -4.59
N LEU E 38 -11.93 -4.05 -4.50
CA LEU E 38 -13.10 -4.07 -5.37
C LEU E 38 -12.74 -3.91 -6.84
N ASP E 39 -13.30 -4.81 -7.66
CA ASP E 39 -13.18 -4.70 -9.13
C ASP E 39 -14.50 -4.29 -9.81
N GLU E 40 -15.53 -4.15 -9.01
CA GLU E 40 -16.78 -3.63 -9.43
C GLU E 40 -17.55 -3.17 -8.20
N GLY E 41 -18.73 -2.64 -8.46
CA GLY E 41 -19.57 -2.08 -7.41
C GLY E 41 -20.42 -0.90 -7.79
N THR E 42 -21.03 -0.27 -6.80
CA THR E 42 -21.91 0.90 -6.97
C THR E 42 -21.70 1.90 -5.89
N ILE E 43 -21.65 3.16 -6.28
CA ILE E 43 -21.48 4.28 -5.32
C ILE E 43 -22.63 5.27 -5.59
N VAL E 44 -23.43 5.55 -4.56
CA VAL E 44 -24.62 6.43 -4.66
C VAL E 44 -24.41 7.59 -3.70
N VAL E 45 -24.47 8.81 -4.21
CA VAL E 45 -24.17 9.98 -3.41
C VAL E 45 -25.23 11.08 -3.57
N ARG E 46 -25.84 11.49 -2.47
CA ARG E 46 -26.64 12.69 -2.45
C ARG E 46 -25.81 13.88 -1.88
N PHE E 47 -25.73 14.94 -2.65
CA PHE E 47 -24.81 16.07 -2.33
C PHE E 47 -25.39 17.42 -2.69
N ASN E 48 -24.80 18.42 -2.09
CA ASN E 48 -25.09 19.80 -2.44
C ASN E 48 -23.82 20.63 -2.26
N SER E 49 -23.26 21.08 -3.37
CA SER E 49 -22.03 21.79 -3.37
C SER E 49 -22.34 23.27 -3.47
N LYS E 50 -21.46 24.03 -2.83
CA LYS E 50 -21.45 25.50 -2.80
C LYS E 50 -20.35 26.11 -3.73
N ASP E 51 -19.72 25.29 -4.57
CA ASP E 51 -18.49 25.68 -5.32
C ASP E 51 -18.48 25.13 -6.74
N SER E 52 -17.66 25.74 -7.59
CA SER E 52 -17.62 25.37 -9.00
C SER E 52 -16.40 24.51 -9.42
N LYS E 53 -15.41 24.45 -8.56
CA LYS E 53 -14.19 23.66 -8.85
C LYS E 53 -14.46 22.15 -8.84
N ILE E 54 -13.49 21.41 -9.34
CA ILE E 54 -13.47 19.94 -9.23
C ILE E 54 -13.37 19.61 -7.78
N GLN E 55 -14.36 18.88 -7.32
CA GLN E 55 -14.49 18.50 -5.94
C GLN E 55 -14.75 17.01 -5.78
N SER E 56 -13.93 16.35 -4.97
CA SER E 56 -14.14 14.91 -4.68
C SER E 56 -15.38 14.68 -3.75
N LEU E 57 -16.34 13.91 -4.23
CA LEU E 57 -17.33 13.24 -3.37
C LEU E 57 -16.62 12.17 -2.53
N LEU E 58 -15.88 11.33 -3.22
CA LEU E 58 -15.15 10.19 -2.68
C LEU E 58 -13.75 10.15 -3.34
N GLY E 59 -12.75 10.12 -2.49
CA GLY E 59 -11.36 9.96 -2.89
C GLY E 59 -10.71 8.80 -2.18
N ILE E 60 -10.26 7.80 -2.94
CA ILE E 60 -9.62 6.59 -2.42
C ILE E 60 -8.27 6.54 -3.10
N SER E 61 -7.20 6.53 -2.29
CA SER E 61 -5.91 6.84 -2.79
C SER E 61 -4.76 6.17 -2.04
N ASN E 62 -3.62 6.16 -2.75
CA ASN E 62 -2.30 5.95 -2.15
C ASN E 62 -1.71 7.30 -1.90
N SER E 63 -1.84 7.77 -0.66
CA SER E 63 -1.34 9.11 -0.29
C SER E 63 0.17 9.28 -0.32
N LYS E 64 0.87 8.19 -0.50
CA LYS E 64 2.33 8.22 -0.69
C LYS E 64 2.69 8.61 -2.11
N THR E 65 1.69 8.64 -3.02
CA THR E 65 1.86 9.01 -4.43
C THR E 65 1.14 10.28 -4.80
N LYS E 66 1.59 10.94 -5.86
CA LYS E 66 0.90 12.06 -6.39
C LYS E 66 -0.36 11.67 -7.16
N ASN E 67 -0.25 10.58 -7.87
CA ASN E 67 -1.25 10.19 -8.90
C ASN E 67 -1.89 8.80 -8.76
N GLY E 68 -1.76 8.18 -7.61
CA GLY E 68 -2.35 6.90 -7.37
C GLY E 68 -3.70 7.13 -6.61
N TYR E 69 -4.81 7.21 -7.36
CA TYR E 69 -6.12 7.49 -6.75
C TYR E 69 -7.31 7.25 -7.65
N PHE E 70 -8.44 7.08 -6.98
CA PHE E 70 -9.80 7.11 -7.52
C PHE E 70 -10.44 8.38 -6.96
N ASN E 71 -11.01 9.18 -7.88
CA ASN E 71 -11.60 10.44 -7.57
C ASN E 71 -12.98 10.55 -8.28
N PHE E 72 -14.04 10.36 -7.50
CA PHE E 72 -15.45 10.48 -7.97
C PHE E 72 -15.84 11.90 -7.62
N TYR E 73 -15.99 12.73 -8.64
CA TYR E 73 -15.97 14.17 -8.51
C TYR E 73 -17.15 14.85 -9.16
N VAL E 74 -17.37 16.07 -8.72
CA VAL E 74 -18.33 16.96 -9.37
C VAL E 74 -17.74 18.36 -9.56
N THR E 75 -18.36 19.07 -10.48
CA THR E 75 -18.21 20.55 -10.54
C THR E 75 -19.61 21.14 -10.42
N ASN E 76 -19.77 22.40 -10.79
CA ASN E 76 -21.07 23.03 -10.90
C ASN E 76 -21.84 22.58 -12.13
N SER E 77 -21.15 21.96 -13.08
CA SER E 77 -21.78 21.60 -14.38
C SER E 77 -21.29 20.30 -14.98
N ARG E 78 -20.72 19.47 -14.13
CA ARG E 78 -20.18 18.18 -14.57
C ARG E 78 -20.11 17.18 -13.43
N VAL E 79 -20.27 15.91 -13.78
CA VAL E 79 -19.96 14.81 -12.85
C VAL E 79 -19.07 13.81 -13.58
N GLY E 80 -18.20 13.14 -12.80
CA GLY E 80 -17.34 12.15 -13.34
C GLY E 80 -16.43 11.46 -12.36
N PHE E 81 -15.54 10.60 -12.91
CA PHE E 81 -14.48 10.04 -12.06
C PHE E 81 -13.21 9.86 -12.84
N GLU E 82 -12.11 9.89 -12.11
CA GLU E 82 -10.83 9.48 -12.59
C GLU E 82 -10.28 8.32 -11.78
N LEU E 83 -9.54 7.48 -12.48
CA LEU E 83 -8.87 6.33 -11.97
C LEU E 83 -7.44 6.34 -12.50
N ARG E 84 -6.50 6.50 -11.57
CA ARG E 84 -5.11 6.60 -11.87
C ARG E 84 -4.28 5.77 -10.93
N ASN E 85 -3.22 5.17 -11.47
CA ASN E 85 -2.28 4.37 -10.66
C ASN E 85 -0.91 4.99 -10.72
N GLN E 86 -0.13 4.84 -9.66
CA GLN E 86 1.24 5.34 -9.70
C GLN E 86 2.17 4.34 -8.93
N LYS E 87 3.20 3.87 -9.62
CA LYS E 87 4.10 2.82 -9.10
C LYS E 87 5.26 3.33 -8.23
N ASN E 88 5.52 4.61 -8.26
CA ASN E 88 6.65 5.22 -7.57
C ASN E 88 6.15 6.30 -6.62
N GLU E 89 6.59 6.18 -5.37
CA GLU E 89 6.15 7.06 -4.26
C GLU E 89 6.97 8.34 -4.18
N GLY E 90 6.39 9.34 -3.54
CA GLY E 90 7.05 10.58 -3.25
C GLY E 90 6.88 11.63 -4.32
N ASN E 91 7.76 12.61 -4.29
CA ASN E 91 7.67 13.79 -5.19
C ASN E 91 8.23 13.49 -6.59
N THR E 92 7.40 12.85 -7.39
CA THR E 92 7.77 12.43 -8.73
C THR E 92 6.51 12.11 -9.57
N GLN E 93 6.65 12.19 -10.87
CA GLN E 93 5.62 11.73 -11.84
C GLN E 93 5.87 10.33 -12.30
N ASN E 94 7.02 9.79 -11.91
CA ASN E 94 7.45 8.48 -12.45
C ASN E 94 6.49 7.33 -12.07
N GLY E 95 6.24 6.46 -13.02
CA GLY E 95 5.36 5.29 -12.87
C GLY E 95 3.84 5.58 -12.83
N THR E 96 3.47 6.73 -13.33
CA THR E 96 2.04 7.16 -13.44
C THR E 96 1.35 6.48 -14.62
N GLU E 97 0.26 5.78 -14.34
CA GLU E 97 -0.68 5.28 -15.36
C GLU E 97 -2.05 6.00 -15.21
N ASN E 98 -2.50 6.63 -16.29
CA ASN E 98 -3.80 7.28 -16.35
C ASN E 98 -4.81 6.35 -16.94
N LEU E 99 -5.55 5.66 -16.07
CA LEU E 99 -6.35 4.51 -16.51
C LEU E 99 -7.70 4.86 -17.15
N VAL E 100 -8.52 5.59 -16.38
CA VAL E 100 -9.90 5.92 -16.84
C VAL E 100 -10.28 7.32 -16.41
N HIS E 101 -10.76 8.11 -17.33
CA HIS E 101 -11.41 9.40 -17.01
C HIS E 101 -12.73 9.46 -17.74
N MET E 102 -13.82 9.38 -16.96
CA MET E 102 -15.18 9.33 -17.50
C MET E 102 -15.98 10.47 -16.88
N TYR E 103 -16.66 11.23 -17.72
CA TYR E 103 -17.34 12.42 -17.28
C TYR E 103 -18.52 12.76 -18.22
N LYS E 104 -19.41 13.57 -17.66
CA LYS E 104 -20.61 14.06 -18.39
C LYS E 104 -20.95 15.46 -17.95
N ASP E 105 -20.96 16.38 -18.91
CA ASP E 105 -21.49 17.73 -18.66
C ASP E 105 -23.01 17.63 -18.45
N VAL E 106 -23.49 18.30 -17.43
CA VAL E 106 -24.87 18.12 -16.96
C VAL E 106 -25.40 19.43 -16.31
N ALA E 107 -26.72 19.57 -16.29
CA ALA E 107 -27.36 20.65 -15.55
C ALA E 107 -27.61 20.11 -14.15
N LEU E 108 -27.04 20.75 -13.15
CA LEU E 108 -27.23 20.37 -11.73
C LEU E 108 -28.26 21.23 -11.05
N ASN E 109 -29.00 20.64 -10.12
CA ASN E 109 -29.93 21.40 -9.27
C ASN E 109 -29.11 22.33 -8.42
N ASP E 110 -29.71 23.43 -8.03
CA ASP E 110 -29.05 24.33 -7.08
C ASP E 110 -28.94 23.77 -5.70
N GLY E 111 -29.93 22.99 -5.35
CA GLY E 111 -29.96 22.29 -4.07
C GLY E 111 -29.33 20.89 -4.21
N ASP E 112 -29.98 19.91 -3.58
CA ASP E 112 -29.51 18.54 -3.57
C ASP E 112 -29.52 17.92 -4.96
N ASN E 113 -28.47 17.17 -5.24
CA ASN E 113 -28.38 16.31 -6.39
C ASN E 113 -28.07 14.87 -5.94
N THR E 114 -28.45 13.89 -6.77
CA THR E 114 -28.12 12.50 -6.49
C THR E 114 -27.48 11.84 -7.68
N VAL E 115 -26.26 11.37 -7.49
CA VAL E 115 -25.42 10.79 -8.51
C VAL E 115 -25.10 9.34 -8.13
N ALA E 116 -24.95 8.54 -9.14
CA ALA E 116 -24.47 7.16 -8.96
C ALA E 116 -23.48 6.78 -10.03
N LEU E 117 -22.51 6.01 -9.60
CA LEU E 117 -21.52 5.33 -10.47
C LEU E 117 -21.66 3.84 -10.32
N LYS E 118 -21.91 3.18 -11.44
CA LYS E 118 -22.13 1.71 -11.48
C LYS E 118 -21.03 1.11 -12.31
N ILE E 119 -20.30 0.20 -11.69
CA ILE E 119 -19.17 -0.47 -12.34
C ILE E 119 -19.54 -1.94 -12.45
N GLU E 120 -19.65 -2.41 -13.69
CA GLU E 120 -19.99 -3.82 -13.97
C GLU E 120 -18.79 -4.52 -14.59
N LYS E 121 -18.21 -5.48 -13.86
CA LYS E 121 -16.90 -6.02 -14.21
C LYS E 121 -16.88 -6.49 -15.69
N ASN E 122 -15.96 -5.94 -16.45
CA ASN E 122 -15.79 -6.24 -17.92
C ASN E 122 -17.02 -6.05 -18.82
N LYS E 123 -17.97 -5.22 -18.38
CA LYS E 123 -19.14 -4.76 -19.20
C LYS E 123 -18.97 -3.24 -19.41
N GLY E 124 -18.79 -2.49 -18.31
CA GLY E 124 -18.54 -1.05 -18.41
C GLY E 124 -19.01 -0.26 -17.22
N TYR E 125 -19.08 1.03 -17.45
CA TYR E 125 -19.36 2.04 -16.43
C TYR E 125 -20.61 2.83 -16.82
N LYS E 126 -21.47 3.09 -15.84
CA LYS E 126 -22.61 3.97 -16.00
C LYS E 126 -22.64 5.05 -14.95
N LEU E 127 -22.89 6.28 -15.39
CA LEU E 127 -23.23 7.39 -14.51
C LEU E 127 -24.72 7.65 -14.55
N PHE E 128 -25.29 7.83 -13.38
CA PHE E 128 -26.69 8.29 -13.18
C PHE E 128 -26.74 9.59 -12.47
N LEU E 129 -27.73 10.40 -12.80
CA LEU E 129 -27.91 11.70 -12.12
C LEU E 129 -29.38 12.08 -12.13
N ASN E 130 -29.93 12.31 -10.96
CA ASN E 130 -31.30 12.86 -10.80
C ASN E 130 -32.35 12.15 -11.66
N GLY E 131 -32.27 10.83 -11.70
CA GLY E 131 -33.28 9.97 -12.37
C GLY E 131 -32.99 9.60 -13.81
N LYS E 132 -31.81 9.97 -14.30
CA LYS E 132 -31.38 9.63 -15.69
C LYS E 132 -30.07 8.89 -15.73
N MET E 133 -29.98 7.90 -16.60
CA MET E 133 -28.68 7.28 -16.95
C MET E 133 -28.01 8.27 -17.96
N ILE E 134 -27.05 9.05 -17.50
CA ILE E 134 -26.47 10.12 -18.27
C ILE E 134 -25.31 9.77 -19.20
N LYS E 135 -24.63 8.66 -18.96
CA LYS E 135 -23.41 8.30 -19.71
C LYS E 135 -23.02 6.91 -19.39
N GLU E 136 -22.81 6.16 -20.45
CA GLU E 136 -22.37 4.81 -20.39
C GLU E 136 -21.07 4.70 -21.20
N VAL E 137 -20.10 4.02 -20.64
CA VAL E 137 -18.83 3.75 -21.33
C VAL E 137 -18.61 2.23 -21.25
N LYS E 138 -18.63 1.60 -22.43
CA LYS E 138 -18.45 0.15 -22.56
C LYS E 138 -16.99 -0.14 -22.43
N ASP E 139 -16.69 -1.21 -21.76
CA ASP E 139 -15.31 -1.57 -21.53
C ASP E 139 -15.33 -3.06 -21.22
N THR E 140 -14.68 -3.83 -22.09
CA THR E 140 -14.60 -5.29 -21.91
C THR E 140 -13.40 -5.70 -21.04
N ASN E 141 -12.60 -4.74 -20.62
CA ASN E 141 -11.56 -4.97 -19.61
C ASN E 141 -11.51 -3.82 -18.54
N THR E 142 -12.45 -3.88 -17.64
CA THR E 142 -12.64 -2.73 -16.67
C THR E 142 -11.54 -2.63 -15.64
N LYS E 143 -11.34 -1.40 -15.19
CA LYS E 143 -10.35 -1.10 -14.13
C LYS E 143 -11.13 -0.49 -12.96
N PHE E 144 -10.67 -0.75 -11.75
CA PHE E 144 -11.27 -0.11 -10.56
C PHE E 144 -10.22 -0.07 -9.45
N LEU E 145 -10.68 -0.07 -8.21
CA LEU E 145 -9.81 0.18 -7.06
C LEU E 145 -8.69 -0.87 -6.91
N ASN E 146 -9.03 -2.11 -7.26
CA ASN E 146 -8.04 -3.21 -7.26
C ASN E 146 -6.83 -2.99 -8.16
N ASN E 147 -6.96 -2.09 -9.12
CA ASN E 147 -5.85 -1.74 -10.03
C ASN E 147 -4.94 -0.62 -9.52
N ILE E 148 -5.28 -0.05 -8.39
CA ILE E 148 -4.41 0.98 -7.75
C ILE E 148 -3.59 0.31 -6.69
N GLU E 149 -2.30 0.49 -6.81
CA GLU E 149 -1.31 -0.13 -5.94
C GLU E 149 -1.23 0.58 -4.58
N ASN E 150 -1.26 -0.23 -3.51
CA ASN E 150 -0.97 0.27 -2.13
C ASN E 150 -1.83 1.44 -1.65
N LEU E 151 -3.14 1.28 -1.86
CA LEU E 151 -4.10 2.26 -1.34
C LEU E 151 -3.91 2.33 0.20
N ASP E 152 -3.95 3.55 0.72
CA ASP E 152 -3.84 3.77 2.16
C ASP E 152 -4.80 4.85 2.74
N SER E 153 -5.65 5.48 1.90
CA SER E 153 -6.54 6.56 2.33
C SER E 153 -7.88 6.54 1.63
N ALA E 154 -8.91 6.88 2.42
CA ALA E 154 -10.27 7.02 1.89
C ALA E 154 -10.89 8.17 2.62
N PHE E 155 -11.32 9.15 1.84
CA PHE E 155 -11.95 10.36 2.34
C PHE E 155 -13.28 10.62 1.60
N ILE E 156 -14.23 11.09 2.36
CA ILE E 156 -15.38 11.79 1.78
C ILE E 156 -15.05 13.25 1.75
N GLY E 157 -15.05 13.84 0.56
CA GLY E 157 -14.85 15.27 0.44
C GLY E 157 -13.48 15.74 -0.02
N LYS E 158 -12.56 14.82 -0.26
CA LYS E 158 -11.25 15.12 -0.86
C LYS E 158 -10.61 13.85 -1.38
N THR E 159 -9.51 14.05 -2.09
CA THR E 159 -8.58 12.95 -2.40
C THR E 159 -7.22 13.22 -1.73
N ASN E 160 -6.83 12.32 -0.86
CA ASN E 160 -5.55 12.48 -0.13
C ASN E 160 -4.35 12.09 -1.02
N ARG E 161 -3.55 13.08 -1.37
CA ARG E 161 -2.45 12.90 -2.32
C ARG E 161 -1.11 13.38 -1.74
N TYR E 162 -0.02 12.92 -2.36
CA TYR E 162 1.32 13.25 -1.86
C TYR E 162 1.65 14.69 -2.06
N GLY E 163 2.23 15.29 -1.03
CA GLY E 163 2.83 16.63 -1.17
C GLY E 163 1.80 17.71 -1.43
N GLN E 164 2.10 18.56 -2.40
CA GLN E 164 1.30 19.69 -2.77
C GLN E 164 0.64 19.35 -4.09
N SER E 165 -0.33 18.47 -4.04
CA SER E 165 -1.18 18.08 -5.12
C SER E 165 -2.55 18.66 -4.83
N ASN E 166 -3.32 18.85 -5.88
CA ASN E 166 -4.71 19.29 -5.70
C ASN E 166 -5.54 18.14 -5.10
N GLU E 167 -6.04 18.36 -3.89
CA GLU E 167 -6.88 17.39 -3.19
C GLU E 167 -8.38 17.48 -3.50
N TYR E 168 -8.74 18.41 -4.34
CA TYR E 168 -10.14 18.57 -4.85
C TYR E 168 -11.14 18.68 -3.70
N ASN E 169 -10.83 19.57 -2.77
CA ASN E 169 -11.61 19.67 -1.55
C ASN E 169 -13.07 20.09 -1.85
N PHE E 170 -14.02 19.31 -1.37
CA PHE E 170 -15.42 19.55 -1.59
C PHE E 170 -15.88 20.62 -0.56
N LYS E 171 -16.72 21.50 -1.05
CA LYS E 171 -17.38 22.47 -0.19
C LYS E 171 -18.90 22.40 -0.32
N GLY E 172 -19.54 22.14 0.79
CA GLY E 172 -21.02 21.99 0.89
C GLY E 172 -21.42 20.92 1.88
N ASN E 173 -22.40 20.09 1.50
CA ASN E 173 -22.84 18.98 2.35
C ASN E 173 -23.06 17.73 1.51
N ILE E 174 -22.82 16.59 2.13
CA ILE E 174 -23.16 15.30 1.55
C ILE E 174 -24.16 14.64 2.45
N GLY E 175 -25.39 14.59 1.97
CA GLY E 175 -26.52 13.99 2.72
C GLY E 175 -26.29 12.54 3.01
N PHE E 176 -25.89 11.79 1.96
CA PHE E 176 -25.55 10.39 2.11
C PHE E 176 -24.59 9.85 1.06
N MET E 177 -23.88 8.81 1.46
CA MET E 177 -23.04 8.07 0.55
C MET E 177 -23.20 6.57 0.91
N ASN E 178 -23.68 5.84 -0.08
CA ASN E 178 -23.80 4.40 -0.02
C ASN E 178 -22.87 3.73 -1.04
N ILE E 179 -22.09 2.76 -0.59
CA ILE E 179 -21.17 2.02 -1.41
C ILE E 179 -21.59 0.52 -1.34
N TYR E 180 -21.59 -0.11 -2.49
CA TYR E 180 -22.01 -1.50 -2.66
C TYR E 180 -20.90 -2.25 -3.38
N ASN E 181 -20.71 -3.50 -3.00
CA ASN E 181 -19.71 -4.36 -3.67
C ASN E 181 -20.18 -4.91 -5.02
N GLU E 182 -21.46 -4.73 -5.34
CA GLU E 182 -22.04 -5.21 -6.61
C GLU E 182 -22.70 -4.07 -7.41
N PRO E 183 -22.74 -4.23 -8.73
CA PRO E 183 -23.54 -3.35 -9.58
C PRO E 183 -25.01 -3.52 -9.34
N LEU E 184 -25.65 -2.47 -8.90
CA LEU E 184 -27.05 -2.51 -8.68
C LEU E 184 -27.78 -2.35 -10.02
N GLY E 185 -29.05 -2.65 -9.98
CA GLY E 185 -29.93 -2.59 -11.16
C GLY E 185 -30.16 -1.17 -11.61
N ASP E 186 -30.21 -0.99 -12.93
CA ASP E 186 -30.51 0.35 -13.53
C ASP E 186 -31.79 0.94 -13.00
N ASP E 187 -32.81 0.11 -12.89
CA ASP E 187 -34.10 0.55 -12.40
C ASP E 187 -34.03 1.14 -10.98
N TYR E 188 -33.33 0.45 -10.10
CA TYR E 188 -33.12 0.95 -8.73
C TYR E 188 -32.42 2.33 -8.78
N LEU E 189 -31.39 2.43 -9.60
CA LEU E 189 -30.53 3.63 -9.65
C LEU E 189 -31.30 4.80 -10.25
N LEU E 190 -32.10 4.51 -11.28
CA LEU E 190 -33.03 5.52 -11.82
C LEU E 190 -33.97 6.05 -10.72
N SER E 191 -34.61 5.15 -9.99
CA SER E 191 -35.60 5.60 -8.95
C SER E 191 -34.92 6.25 -7.76
N LYS E 192 -33.81 5.71 -7.33
CA LYS E 192 -33.08 6.30 -6.16
C LYS E 192 -32.52 7.70 -6.46
N THR E 193 -31.80 7.82 -7.57
CA THR E 193 -31.29 9.12 -7.99
C THR E 193 -32.41 10.07 -8.40
N GLY E 194 -33.49 9.50 -8.92
CA GLY E 194 -34.72 10.21 -9.30
C GLY E 194 -35.47 10.91 -8.15
N GLU E 195 -35.07 10.62 -6.93
CA GLU E 195 -35.62 11.32 -5.74
C GLU E 195 -35.28 12.81 -5.73
N THR E 196 -34.22 13.21 -6.44
CA THR E 196 -33.90 14.63 -6.57
C THR E 196 -34.03 15.10 -7.98
N LYS E 197 -35.02 14.60 -8.68
CA LYS E 197 -35.08 14.92 -10.11
C LYS E 197 -35.59 16.32 -10.33
N ASN F 5 2.17 -32.45 -43.08
CA ASN F 5 3.09 -32.36 -41.89
C ASN F 5 4.56 -31.98 -42.29
N TRP F 6 4.96 -30.73 -42.04
CA TRP F 6 6.16 -30.19 -42.70
C TRP F 6 7.40 -30.92 -42.27
N GLU F 7 8.24 -31.31 -43.22
CA GLU F 7 9.54 -31.89 -42.90
C GLU F 7 10.48 -30.83 -42.34
N LEU F 8 10.33 -29.59 -42.80
CA LEU F 8 11.01 -28.43 -42.20
C LEU F 8 10.04 -27.26 -42.11
N LEU F 9 9.80 -26.81 -40.89
CA LEU F 9 8.92 -25.67 -40.59
C LEU F 9 9.78 -24.65 -39.87
N SER F 10 9.82 -23.43 -40.39
CA SER F 10 10.51 -22.34 -39.69
C SER F 10 9.78 -22.00 -38.39
N SER F 11 10.55 -21.71 -37.39
CA SER F 11 10.02 -21.18 -36.15
C SER F 11 9.35 -19.80 -36.28
N LEU F 12 8.26 -19.65 -35.55
CA LEU F 12 7.50 -18.39 -35.41
C LEU F 12 8.32 -17.41 -34.58
N GLY F 13 8.97 -17.95 -33.57
CA GLY F 13 9.79 -17.16 -32.66
C GLY F 13 11.08 -17.86 -32.42
N GLU F 14 12.14 -17.08 -32.43
CA GLU F 14 13.46 -17.70 -32.38
C GLU F 14 14.34 -16.79 -31.58
N TYR F 15 14.91 -17.32 -30.53
CA TYR F 15 15.70 -16.52 -29.59
C TYR F 15 16.91 -17.29 -29.30
N LYS F 16 18.05 -16.62 -29.25
CA LYS F 16 19.31 -17.31 -29.06
C LYS F 16 20.22 -16.68 -28.01
N ASP F 17 21.07 -17.49 -27.41
CA ASP F 17 22.10 -17.06 -26.42
C ASP F 17 21.59 -16.04 -25.38
N ILE F 18 20.68 -16.51 -24.54
CA ILE F 18 20.09 -15.68 -23.50
C ILE F 18 20.84 -15.93 -22.22
N ASN F 19 21.51 -14.86 -21.78
CA ASN F 19 22.36 -14.90 -20.60
C ASN F 19 21.48 -14.62 -19.40
N LEU F 20 21.38 -15.61 -18.52
CA LEU F 20 20.61 -15.50 -17.29
C LEU F 20 21.47 -15.81 -16.04
N GLU F 21 22.75 -15.55 -16.16
CA GLU F 21 23.72 -15.88 -15.09
C GLU F 21 23.49 -15.08 -13.79
N SER F 22 22.90 -13.90 -13.93
CA SER F 22 22.52 -13.04 -12.78
C SER F 22 21.01 -13.05 -12.51
N SER F 23 20.33 -14.02 -13.08
CA SER F 23 18.89 -14.21 -12.90
C SER F 23 18.05 -13.02 -13.34
N ASN F 24 18.51 -12.31 -14.35
CA ASN F 24 17.76 -11.22 -15.02
C ASN F 24 17.17 -11.66 -16.40
N ALA F 25 15.87 -11.83 -16.38
CA ALA F 25 15.09 -12.29 -17.55
C ALA F 25 15.08 -11.35 -18.78
N SER F 26 14.81 -11.92 -19.94
CA SER F 26 14.71 -11.15 -21.17
C SER F 26 13.24 -10.92 -21.58
N ASN F 27 12.87 -9.63 -21.67
CA ASN F 27 11.50 -9.23 -22.03
C ASN F 27 11.25 -9.43 -23.54
N ILE F 28 10.34 -10.34 -23.89
CA ILE F 28 10.00 -10.61 -25.32
C ILE F 28 8.54 -10.30 -25.54
N THR F 29 8.03 -9.38 -24.74
CA THR F 29 6.62 -8.91 -24.85
C THR F 29 6.30 -8.36 -26.24
N TYR F 30 7.31 -7.81 -26.87
CA TYR F 30 7.12 -7.30 -28.29
C TYR F 30 6.59 -8.39 -29.27
N ASP F 31 6.86 -9.65 -28.96
CA ASP F 31 6.36 -10.79 -29.75
C ASP F 31 5.01 -11.34 -29.27
N LEU F 32 4.42 -10.73 -28.26
CA LEU F 32 3.25 -11.31 -27.60
C LEU F 32 2.09 -11.58 -28.56
N GLU F 33 1.90 -10.69 -29.52
CA GLU F 33 0.76 -10.80 -30.47
C GLU F 33 0.87 -12.12 -31.27
N LYS F 34 2.06 -12.58 -31.47
CA LYS F 34 2.28 -13.90 -32.17
C LYS F 34 1.77 -15.14 -31.36
N TYR F 35 1.71 -14.99 -30.04
CA TYR F 35 1.46 -16.13 -29.10
C TYR F 35 0.12 -16.13 -28.37
N LYS F 36 -0.44 -14.97 -28.11
CA LYS F 36 -1.53 -14.85 -27.14
C LYS F 36 -2.80 -15.57 -27.48
N ASN F 37 -3.07 -15.75 -28.76
CA ASN F 37 -4.26 -16.48 -29.21
C ASN F 37 -3.97 -17.94 -29.57
N LEU F 38 -2.77 -18.41 -29.37
CA LEU F 38 -2.41 -19.80 -29.69
C LEU F 38 -3.21 -20.81 -28.85
N ASP F 39 -3.85 -21.74 -29.55
CA ASP F 39 -4.51 -22.89 -28.92
C ASP F 39 -3.69 -24.19 -29.09
N GLU F 40 -2.58 -24.11 -29.79
CA GLU F 40 -1.60 -25.18 -29.89
C GLU F 40 -0.24 -24.64 -30.31
N GLY F 41 0.73 -25.52 -30.44
CA GLY F 41 2.07 -25.20 -30.90
C GLY F 41 3.15 -26.05 -30.29
N THR F 42 4.38 -25.60 -30.47
CA THR F 42 5.56 -26.32 -29.96
C THR F 42 6.59 -25.35 -29.45
N ILE F 43 7.21 -25.70 -28.34
CA ILE F 43 8.27 -24.90 -27.72
C ILE F 43 9.45 -25.80 -27.46
N VAL F 44 10.58 -25.47 -28.05
CA VAL F 44 11.81 -26.25 -27.93
C VAL F 44 12.88 -25.37 -27.27
N VAL F 45 13.55 -25.90 -26.27
CA VAL F 45 14.48 -25.07 -25.45
C VAL F 45 15.71 -25.81 -25.06
N ARG F 46 16.86 -25.25 -25.40
CA ARG F 46 18.15 -25.78 -24.93
C ARG F 46 18.63 -24.87 -23.77
N PHE F 47 18.86 -25.48 -22.64
CA PHE F 47 19.11 -24.74 -21.42
C PHE F 47 20.14 -25.40 -20.53
N ASN F 48 20.68 -24.61 -19.64
CA ASN F 48 21.60 -25.08 -18.64
C ASN F 48 21.43 -24.24 -17.39
N SER F 49 20.89 -24.85 -16.36
CA SER F 49 20.60 -24.15 -15.11
C SER F 49 21.63 -24.49 -14.06
N LYS F 50 21.92 -23.50 -13.22
CA LYS F 50 22.85 -23.67 -12.08
C LYS F 50 22.14 -23.56 -10.75
N ASP F 51 20.88 -23.96 -10.74
CA ASP F 51 20.03 -23.84 -9.56
C ASP F 51 18.99 -24.95 -9.49
N SER F 52 18.45 -25.17 -8.30
CA SER F 52 17.52 -26.28 -8.06
C SER F 52 16.04 -25.89 -7.92
N LYS F 53 15.75 -24.62 -7.75
CA LYS F 53 14.38 -24.12 -7.67
C LYS F 53 13.60 -24.24 -8.97
N ILE F 54 12.31 -24.06 -8.86
CA ILE F 54 11.41 -23.94 -10.03
C ILE F 54 11.81 -22.65 -10.77
N GLN F 55 12.17 -22.83 -12.04
CA GLN F 55 12.69 -21.76 -12.89
C GLN F 55 11.99 -21.71 -14.25
N SER F 56 11.41 -20.57 -14.60
CA SER F 56 10.74 -20.40 -15.88
C SER F 56 11.72 -20.32 -17.04
N LEU F 57 11.58 -21.27 -17.98
CA LEU F 57 12.22 -21.12 -19.31
C LEU F 57 11.49 -20.00 -20.06
N LEU F 58 10.19 -20.11 -20.07
CA LEU F 58 9.30 -19.23 -20.76
C LEU F 58 8.07 -18.97 -19.87
N GLY F 59 7.80 -17.68 -19.66
CA GLY F 59 6.64 -17.20 -18.88
C GLY F 59 5.83 -16.22 -19.68
N ILE F 60 4.57 -16.55 -19.91
CA ILE F 60 3.66 -15.73 -20.68
C ILE F 60 2.46 -15.51 -19.77
N SER F 61 2.17 -14.21 -19.50
CA SER F 61 1.30 -13.86 -18.40
C SER F 61 0.47 -12.59 -18.57
N ASN F 62 -0.56 -12.52 -17.73
CA ASN F 62 -1.27 -11.28 -17.38
C ASN F 62 -0.67 -10.76 -16.10
N SER F 63 0.28 -9.83 -16.21
CA SER F 63 1.00 -9.30 -15.03
C SER F 63 0.10 -8.51 -14.02
N LYS F 64 -1.13 -8.21 -14.42
CA LYS F 64 -2.11 -7.53 -13.55
C LYS F 64 -2.69 -8.51 -12.55
N THR F 65 -2.46 -9.81 -12.79
CA THR F 65 -2.94 -10.88 -11.94
C THR F 65 -1.79 -11.58 -11.26
N LYS F 66 -2.15 -12.26 -10.18
CA LYS F 66 -1.14 -13.11 -9.51
C LYS F 66 -0.92 -14.45 -10.25
N ASN F 67 -2.04 -15.00 -10.72
CA ASN F 67 -2.11 -16.40 -11.19
C ASN F 67 -2.55 -16.61 -12.65
N GLY F 68 -2.51 -15.56 -13.44
CA GLY F 68 -2.94 -15.63 -14.87
C GLY F 68 -1.66 -15.75 -15.69
N TYR F 69 -1.23 -17.00 -15.92
CA TYR F 69 0.05 -17.26 -16.60
C TYR F 69 0.27 -18.69 -17.09
N PHE F 70 1.13 -18.75 -18.08
CA PHE F 70 1.77 -19.97 -18.60
C PHE F 70 3.24 -19.95 -18.21
N ASN F 71 3.70 -21.06 -17.61
CA ASN F 71 5.01 -21.19 -17.06
C ASN F 71 5.59 -22.56 -17.44
N PHE F 72 6.51 -22.55 -18.38
CA PHE F 72 7.27 -23.74 -18.85
C PHE F 72 8.57 -23.73 -18.09
N TYR F 73 8.71 -24.67 -17.18
CA TYR F 73 9.68 -24.61 -16.13
C TYR F 73 10.54 -25.83 -15.98
N VAL F 74 11.65 -25.63 -15.29
CA VAL F 74 12.56 -26.72 -14.88
C VAL F 74 13.00 -26.56 -13.45
N THR F 75 13.43 -27.69 -12.89
CA THR F 75 14.23 -27.71 -11.63
C THR F 75 15.53 -28.43 -11.96
N ASN F 76 16.24 -28.86 -10.93
CA ASN F 76 17.39 -29.71 -11.10
C ASN F 76 17.02 -31.16 -11.40
N SER F 77 15.76 -31.54 -11.19
CA SER F 77 15.31 -32.95 -11.35
C SER F 77 13.91 -33.12 -11.94
N ARG F 78 13.45 -32.08 -12.63
CA ARG F 78 12.09 -32.08 -13.15
C ARG F 78 11.93 -31.12 -14.27
N VAL F 79 11.06 -31.47 -15.20
CA VAL F 79 10.58 -30.51 -16.19
C VAL F 79 9.05 -30.52 -16.26
N GLY F 80 8.47 -29.39 -16.63
CA GLY F 80 7.03 -29.31 -16.73
C GLY F 80 6.49 -27.94 -17.07
N PHE F 81 5.18 -27.84 -17.06
CA PHE F 81 4.52 -26.54 -17.26
C PHE F 81 3.23 -26.42 -16.47
N GLU F 82 2.91 -25.19 -16.14
CA GLU F 82 1.62 -24.81 -15.54
C GLU F 82 0.91 -23.79 -16.42
N LEU F 83 -0.38 -23.95 -16.48
CA LEU F 83 -1.28 -23.09 -17.22
C LEU F 83 -2.39 -22.72 -16.22
N ARG F 84 -2.48 -21.44 -15.94
CA ARG F 84 -3.43 -20.91 -14.96
C ARG F 84 -4.06 -19.59 -15.50
N ASN F 85 -5.33 -19.42 -15.23
CA ASN F 85 -6.06 -18.18 -15.56
C ASN F 85 -6.52 -17.52 -14.26
N GLN F 86 -6.64 -16.20 -14.29
CA GLN F 86 -7.22 -15.45 -13.15
C GLN F 86 -8.10 -14.30 -13.62
N LYS F 87 -9.37 -14.36 -13.26
CA LYS F 87 -10.41 -13.43 -13.80
C LYS F 87 -10.61 -12.22 -12.87
N ASN F 88 -9.79 -12.10 -11.81
CA ASN F 88 -9.76 -10.91 -10.94
C ASN F 88 -8.32 -10.40 -10.80
N GLU F 89 -8.14 -9.11 -11.02
CA GLU F 89 -6.81 -8.45 -10.99
C GLU F 89 -6.41 -7.97 -9.61
N GLY F 90 -5.14 -7.70 -9.42
CA GLY F 90 -4.66 -7.11 -8.18
C GLY F 90 -4.38 -8.12 -7.07
N ASN F 91 -4.33 -7.63 -5.83
CA ASN F 91 -3.86 -8.43 -4.67
C ASN F 91 -4.95 -9.32 -4.11
N THR F 92 -5.10 -10.45 -4.75
CA THR F 92 -6.15 -11.40 -4.43
C THR F 92 -5.85 -12.76 -5.09
N GLN F 93 -6.40 -13.80 -4.50
CA GLN F 93 -6.46 -15.14 -5.12
C GLN F 93 -7.79 -15.38 -5.84
N ASN F 94 -8.70 -14.45 -5.73
CA ASN F 94 -10.04 -14.65 -6.33
C ASN F 94 -10.03 -14.81 -7.85
N GLY F 95 -10.97 -15.63 -8.33
CA GLY F 95 -11.16 -15.89 -9.75
C GLY F 95 -10.05 -16.74 -10.39
N THR F 96 -9.26 -17.42 -9.55
CA THR F 96 -8.10 -18.27 -10.01
C THR F 96 -8.64 -19.57 -10.50
N GLU F 97 -8.27 -19.92 -11.74
CA GLU F 97 -8.54 -21.24 -12.33
C GLU F 97 -7.20 -21.92 -12.60
N ASN F 98 -6.98 -23.04 -11.95
CA ASN F 98 -5.75 -23.82 -12.12
C ASN F 98 -6.09 -24.82 -13.20
N LEU F 99 -5.63 -24.52 -14.42
CA LEU F 99 -6.12 -25.27 -15.58
C LEU F 99 -5.36 -26.57 -15.87
N VAL F 100 -4.04 -26.43 -16.05
CA VAL F 100 -3.16 -27.59 -16.35
C VAL F 100 -1.84 -27.52 -15.60
N HIS F 101 -1.49 -28.60 -14.92
CA HIS F 101 -0.11 -28.79 -14.42
C HIS F 101 0.37 -30.17 -14.87
N MET F 102 1.35 -30.15 -15.75
CA MET F 102 1.94 -31.35 -16.34
C MET F 102 3.44 -31.34 -16.13
N TYR F 103 3.93 -32.40 -15.53
CA TYR F 103 5.34 -32.46 -15.18
C TYR F 103 5.84 -33.93 -15.24
N LYS F 104 7.16 -34.05 -15.18
CA LYS F 104 7.87 -35.33 -15.13
C LYS F 104 9.20 -35.19 -14.40
N ASP F 105 9.38 -36.01 -13.39
CA ASP F 105 10.68 -36.18 -12.71
C ASP F 105 11.67 -36.89 -13.60
N VAL F 106 12.87 -36.34 -13.72
CA VAL F 106 13.85 -36.76 -14.73
C VAL F 106 15.27 -36.63 -14.21
N ALA F 107 16.19 -37.36 -14.82
CA ALA F 107 17.65 -37.12 -14.66
C ALA F 107 18.06 -36.10 -15.71
N LEU F 108 18.56 -34.95 -15.27
CA LEU F 108 19.09 -33.93 -16.16
C LEU F 108 20.62 -34.03 -16.30
N ASN F 109 21.14 -33.66 -17.45
CA ASN F 109 22.62 -33.49 -17.65
C ASN F 109 23.12 -32.34 -16.80
N ASP F 110 24.39 -32.38 -16.42
CA ASP F 110 25.06 -31.28 -15.70
C ASP F 110 25.17 -30.05 -16.57
N GLY F 111 25.40 -30.31 -17.83
CA GLY F 111 25.53 -29.27 -18.80
C GLY F 111 24.22 -29.03 -19.50
N ASP F 112 24.30 -28.87 -20.81
CA ASP F 112 23.15 -28.51 -21.64
C ASP F 112 22.11 -29.64 -21.66
N ASN F 113 20.86 -29.24 -21.59
CA ASN F 113 19.71 -30.11 -21.79
C ASN F 113 18.84 -29.53 -22.85
N THR F 114 18.07 -30.41 -23.52
CA THR F 114 17.11 -29.93 -24.54
C THR F 114 15.71 -30.52 -24.28
N VAL F 115 14.73 -29.61 -24.11
CA VAL F 115 13.38 -29.95 -23.74
C VAL F 115 12.44 -29.43 -24.82
N ALA F 116 11.37 -30.18 -25.05
CA ALA F 116 10.26 -29.70 -25.85
C ALA F 116 8.87 -29.97 -25.24
N LEU F 117 7.98 -29.02 -25.43
CA LEU F 117 6.60 -29.11 -25.13
C LEU F 117 5.82 -29.03 -26.43
N LYS F 118 5.03 -30.05 -26.68
CA LYS F 118 4.16 -30.11 -27.88
C LYS F 118 2.72 -30.09 -27.43
N ILE F 119 1.94 -29.17 -27.99
CA ILE F 119 0.51 -29.05 -27.74
C ILE F 119 -0.26 -29.26 -29.04
N GLU F 120 -1.09 -30.31 -29.05
CA GLU F 120 -1.94 -30.63 -30.19
C GLU F 120 -3.36 -30.38 -29.81
N LYS F 121 -3.99 -29.45 -30.50
CA LYS F 121 -5.33 -29.00 -30.08
C LYS F 121 -6.31 -30.15 -29.97
N ASN F 122 -6.92 -30.26 -28.80
CA ASN F 122 -7.87 -31.32 -28.48
C ASN F 122 -7.40 -32.76 -28.69
N LYS F 123 -6.08 -32.98 -28.69
CA LYS F 123 -5.47 -34.32 -28.62
C LYS F 123 -4.73 -34.46 -27.28
N GLY F 124 -3.87 -33.50 -26.99
CA GLY F 124 -3.11 -33.53 -25.74
C GLY F 124 -1.76 -32.89 -25.80
N TYR F 125 -0.97 -33.21 -24.78
CA TYR F 125 0.33 -32.58 -24.52
C TYR F 125 1.42 -33.65 -24.45
N LYS F 126 2.58 -33.34 -25.01
CA LYS F 126 3.78 -34.19 -24.86
C LYS F 126 4.99 -33.41 -24.45
N LEU F 127 5.71 -33.99 -23.51
CA LEU F 127 7.04 -33.48 -23.14
C LEU F 127 8.13 -34.39 -23.70
N PHE F 128 9.15 -33.74 -24.27
CA PHE F 128 10.37 -34.41 -24.77
C PHE F 128 11.61 -33.86 -24.02
N LEU F 129 12.55 -34.74 -23.74
CA LEU F 129 13.79 -34.35 -23.04
C LEU F 129 14.95 -35.25 -23.53
N ASN F 130 15.97 -34.62 -24.08
CA ASN F 130 17.25 -35.30 -24.42
C ASN F 130 17.06 -36.60 -25.24
N GLY F 131 16.19 -36.52 -26.22
CA GLY F 131 15.90 -37.62 -27.13
C GLY F 131 14.81 -38.63 -26.78
N LYS F 132 14.10 -38.37 -25.70
CA LYS F 132 12.96 -39.23 -25.26
C LYS F 132 11.63 -38.43 -25.13
N MET F 133 10.55 -39.06 -25.53
CA MET F 133 9.20 -38.59 -25.22
C MET F 133 8.94 -39.05 -23.79
N ILE F 134 9.07 -38.11 -22.84
CA ILE F 134 9.04 -38.48 -21.40
C ILE F 134 7.68 -38.51 -20.73
N LYS F 135 6.67 -37.88 -21.34
CA LYS F 135 5.32 -37.80 -20.70
C LYS F 135 4.30 -37.28 -21.67
N GLU F 136 3.21 -38.01 -21.77
CA GLU F 136 2.10 -37.67 -22.62
C GLU F 136 0.85 -37.56 -21.74
N VAL F 137 0.08 -36.50 -21.93
CA VAL F 137 -1.22 -36.32 -21.25
C VAL F 137 -2.28 -36.06 -22.31
N LYS F 138 -3.20 -36.99 -22.43
CA LYS F 138 -4.29 -36.92 -23.44
C LYS F 138 -5.29 -36.00 -22.91
N ASP F 139 -5.90 -35.26 -23.79
CA ASP F 139 -6.90 -34.28 -23.38
C ASP F 139 -7.68 -33.87 -24.64
N THR F 140 -8.97 -34.17 -24.65
CA THR F 140 -9.85 -33.89 -25.80
C THR F 140 -10.42 -32.48 -25.74
N ASN F 141 -10.13 -31.75 -24.67
CA ASN F 141 -10.46 -30.34 -24.58
C ASN F 141 -9.28 -29.51 -24.04
N THR F 142 -8.29 -29.32 -24.90
CA THR F 142 -7.00 -28.74 -24.45
C THR F 142 -7.16 -27.27 -24.11
N LYS F 143 -6.26 -26.81 -23.24
CA LYS F 143 -6.19 -25.43 -22.87
C LYS F 143 -4.75 -24.95 -23.17
N PHE F 144 -4.63 -23.71 -23.57
CA PHE F 144 -3.33 -23.10 -23.84
C PHE F 144 -3.49 -21.57 -23.66
N LEU F 145 -2.65 -20.81 -24.37
CA LEU F 145 -2.51 -19.38 -24.13
C LEU F 145 -3.79 -18.59 -24.38
N ASN F 146 -4.53 -19.02 -25.37
CA ASN F 146 -5.83 -18.44 -25.70
C ASN F 146 -6.85 -18.48 -24.53
N ASN F 147 -6.62 -19.32 -23.53
CA ASN F 147 -7.50 -19.45 -22.36
C ASN F 147 -7.13 -18.59 -21.16
N ILE F 148 -6.04 -17.89 -21.27
CA ILE F 148 -5.64 -16.95 -20.27
C ILE F 148 -6.18 -15.57 -20.72
N GLU F 149 -6.91 -14.92 -19.82
CA GLU F 149 -7.52 -13.60 -20.04
C GLU F 149 -6.47 -12.50 -20.01
N ASN F 150 -6.49 -11.64 -21.04
CA ASN F 150 -5.72 -10.37 -21.02
C ASN F 150 -4.24 -10.51 -20.75
N LEU F 151 -3.62 -11.39 -21.53
CA LEU F 151 -2.15 -11.53 -21.50
C LEU F 151 -1.52 -10.25 -21.87
N ASP F 152 -0.46 -9.90 -21.19
CA ASP F 152 0.22 -8.63 -21.48
C ASP F 152 1.74 -8.71 -21.34
N SER F 153 2.26 -9.89 -21.04
CA SER F 153 3.73 -10.08 -20.84
C SER F 153 4.26 -11.45 -21.33
N ALA F 154 5.50 -11.44 -21.79
CA ALA F 154 6.20 -12.64 -22.23
C ALA F 154 7.62 -12.41 -21.96
N PHE F 155 8.20 -13.37 -21.25
CA PHE F 155 9.61 -13.33 -20.84
C PHE F 155 10.28 -14.67 -20.99
N ILE F 156 11.54 -14.61 -21.33
CA ILE F 156 12.43 -15.78 -21.23
C ILE F 156 13.11 -15.64 -19.91
N GLY F 157 12.93 -16.64 -19.03
CA GLY F 157 13.67 -16.66 -17.72
C GLY F 157 12.92 -16.22 -16.50
N LYS F 158 11.63 -15.92 -16.65
CA LYS F 158 10.75 -15.65 -15.52
C LYS F 158 9.32 -15.60 -16.01
N THR F 159 8.43 -15.51 -15.05
CA THR F 159 7.01 -15.25 -15.30
C THR F 159 6.65 -13.94 -14.58
N ASN F 160 6.19 -12.99 -15.35
CA ASN F 160 5.86 -11.68 -14.86
C ASN F 160 4.51 -11.74 -14.19
N ARG F 161 4.51 -11.52 -12.88
CA ARG F 161 3.27 -11.63 -12.09
C ARG F 161 3.00 -10.45 -11.20
N TYR F 162 1.77 -10.36 -10.75
CA TYR F 162 1.35 -9.20 -9.92
C TYR F 162 2.01 -9.23 -8.53
N GLY F 163 2.43 -8.06 -8.09
CA GLY F 163 2.83 -7.85 -6.70
C GLY F 163 4.06 -8.65 -6.35
N GLN F 164 4.00 -9.32 -5.21
CA GLN F 164 5.14 -10.05 -4.64
C GLN F 164 5.25 -11.52 -5.06
N SER F 165 4.60 -11.91 -6.14
CA SER F 165 4.51 -13.32 -6.47
C SER F 165 5.84 -13.91 -6.84
N ASN F 166 5.98 -15.21 -6.70
CA ASN F 166 7.22 -15.87 -7.15
C ASN F 166 7.26 -15.86 -8.71
N GLU F 167 8.26 -15.23 -9.23
CA GLU F 167 8.48 -15.07 -10.68
C GLU F 167 9.34 -16.17 -11.31
N TYR F 168 9.80 -17.10 -10.45
CA TYR F 168 10.51 -18.33 -10.88
C TYR F 168 11.69 -17.93 -11.75
N ASN F 169 12.45 -16.98 -11.28
CA ASN F 169 13.59 -16.46 -12.03
C ASN F 169 14.60 -17.58 -12.32
N PHE F 170 14.95 -17.73 -13.58
CA PHE F 170 15.89 -18.77 -14.04
C PHE F 170 17.29 -18.27 -13.81
N LYS F 171 18.15 -19.15 -13.39
CA LYS F 171 19.59 -18.86 -13.28
C LYS F 171 20.43 -19.85 -14.11
N GLY F 172 21.17 -19.29 -15.04
CA GLY F 172 22.07 -20.04 -15.95
C GLY F 172 22.12 -19.39 -17.34
N ASN F 173 22.02 -20.21 -18.38
CA ASN F 173 21.77 -19.67 -19.73
C ASN F 173 20.81 -20.55 -20.53
N ILE F 174 20.24 -19.92 -21.52
CA ILE F 174 19.41 -20.57 -22.49
C ILE F 174 20.07 -20.36 -23.84
N GLY F 175 20.61 -21.45 -24.35
CA GLY F 175 21.25 -21.49 -25.68
C GLY F 175 20.32 -21.11 -26.80
N PHE F 176 19.12 -21.69 -26.78
CA PHE F 176 18.08 -21.29 -27.73
C PHE F 176 16.70 -21.60 -27.26
N MET F 177 15.78 -20.84 -27.81
CA MET F 177 14.38 -21.10 -27.67
C MET F 177 13.72 -20.88 -29.03
N ASN F 178 13.00 -21.92 -29.45
CA ASN F 178 12.19 -21.89 -30.68
C ASN F 178 10.74 -22.17 -30.38
N ILE F 179 9.87 -21.28 -30.81
CA ILE F 179 8.46 -21.41 -30.65
C ILE F 179 7.83 -21.56 -32.05
N TYR F 180 6.89 -22.49 -32.15
CA TYR F 180 6.19 -22.83 -33.41
C TYR F 180 4.73 -22.75 -33.16
N ASN F 181 3.99 -22.26 -34.13
CA ASN F 181 2.55 -22.19 -33.99
C ASN F 181 1.85 -23.54 -34.26
N GLU F 182 2.60 -24.53 -34.67
CA GLU F 182 2.05 -25.90 -34.92
C GLU F 182 2.74 -26.94 -34.11
N PRO F 183 2.02 -28.03 -33.81
CA PRO F 183 2.66 -29.19 -33.20
C PRO F 183 3.61 -29.85 -34.20
N LEU F 184 4.87 -29.94 -33.85
CA LEU F 184 5.82 -30.59 -34.71
C LEU F 184 5.74 -32.10 -34.53
N GLY F 185 6.31 -32.82 -35.48
CA GLY F 185 6.31 -34.28 -35.47
C GLY F 185 7.13 -34.82 -34.31
N ASP F 186 6.68 -35.96 -33.76
CA ASP F 186 7.40 -36.63 -32.67
C ASP F 186 8.83 -36.95 -33.08
N ASP F 187 8.99 -37.45 -34.28
CA ASP F 187 10.34 -37.88 -34.77
C ASP F 187 11.31 -36.73 -34.82
N TYR F 188 10.84 -35.60 -35.31
CA TYR F 188 11.65 -34.36 -35.29
C TYR F 188 12.09 -34.05 -33.84
N LEU F 189 11.11 -34.09 -32.94
CA LEU F 189 11.38 -33.67 -31.53
C LEU F 189 12.31 -34.60 -30.84
N LEU F 190 12.15 -35.89 -31.14
CA LEU F 190 13.11 -36.91 -30.63
C LEU F 190 14.58 -36.62 -31.12
N SER F 191 14.72 -36.36 -32.39
CA SER F 191 16.05 -36.04 -33.00
C SER F 191 16.63 -34.70 -32.51
N LYS F 192 15.80 -33.68 -32.52
CA LYS F 192 16.24 -32.33 -32.07
C LYS F 192 16.67 -32.31 -30.59
N THR F 193 15.80 -32.81 -29.72
CA THR F 193 16.13 -32.89 -28.28
C THR F 193 17.25 -33.87 -28.03
N GLY F 194 17.30 -34.89 -28.88
CA GLY F 194 18.35 -35.96 -28.82
C GLY F 194 19.81 -35.53 -29.06
N GLU F 195 19.98 -34.34 -29.57
CA GLU F 195 21.30 -33.72 -29.68
C GLU F 195 22.04 -33.54 -28.34
N THR F 196 21.30 -33.52 -27.23
CA THR F 196 21.94 -33.52 -25.92
C THR F 196 21.65 -34.80 -25.13
N LYS F 197 21.63 -35.94 -25.85
CA LYS F 197 21.34 -37.25 -25.22
C LYS F 197 22.48 -37.61 -24.32
#